data_7G7Y
#
_entry.id   7G7Y
#
_cell.length_a   84.785
_cell.length_b   92.741
_cell.length_c   120.838
_cell.angle_alpha   90.000
_cell.angle_beta   90.000
_cell.angle_gamma   90.000
#
_symmetry.space_group_name_H-M   'P 21 21 21'
#
loop_
_entity.id
_entity.type
_entity.pdbx_description
1 polymer 'Isoform 2 of Ectonucleotide pyrophosphatase/phosphodiesterase family member 2'
2 branched alpha-D-mannopyranose-(1-2)-alpha-D-mannopyranose-(1-3)-alpha-D-mannopyranose-(1-6)-[alpha-D-mannopyranose-(1-2)-alpha-D-mannopyranose-(1-3)]beta-D-mannopyranose-(1-4)-2-acetamido-2-deoxy-beta-D-glucopyranose-(1-4)-2-acetamido-2-deoxy-beta-D-glucopyranose
3 non-polymer 'CALCIUM ION'
4 non-polymer 'CHLORIDE ION'
5 non-polymer 'ACETATE ION'
6 non-polymer 4-{[1-(3-{2-[(5-methyl-2H-tetrazol-2-yl)methyl]-4-(trifluoromethyl)phenyl}propanoyl)piperidin-4-yl]methyl}benzene-1-sulfonamide
7 non-polymer 'POTASSIUM ION'
8 non-polymer 'ZINC ION'
9 non-polymer 'SODIUM ION'
10 water water
#
_entity_poly.entity_id   1
_entity_poly.type   'polypeptide(L)'
_entity_poly.pdbx_seq_one_letter_code
;FTASRIKRAEWDEGPPTVLSDSPWTATSGSCKGRCFELQEVGPPDCRCDNLCKSYSSCCHDFDELCLKTARGWECTKDRC
GEVRNEENACHCSEDCLSRGDCCTNYQVVCKGESHWVDDDCEEIKVPECPAGFVRPPLIIFSVDGFRASYMKKGSKVMPN
IEKLRSCGTHAPYMRPVYPTKTFPNLYTLATGLYPESHGIVGNSMYDPVFDASFHLRGREKFNHRWWGGQPLWITATKQG
VRAGTFFWSVSIPHERRILTILQWLSLPDNERPSVYAFYSEQPDFSGHKYGPFGPEMTNPLREIDKTVGQLMDGLKQLRL
HRCVNVIFVGDHGMEDVTCDRTEFLSNYLTNVDDITLVPGTLGRIRAKSINNSKYDPKTIIAALTCKKPDQHFKPYMKQH
LPKRLHYANNRRIEDIHLLVDRRWHVARKPLDVYKKPSGKCFFQGDHGFDNKVNSMQTVFVGYGPTFKYRTKVPPFENIE
LYNVMCDLLGLKPAPNNGTHGSLNHLLRTNTFRPTMPDEVSRPNYPGIMYLQSEFDLGCTCDDKVEPKNKLEELNKRLHT
KGSTKERHLLYGRPAVLYRTSYDILYHTDFESGYSEIFLMPLWTSYTISKQAEVSSIPEHLTNCVRPDVRVSPGFSQNCL
AYKNDKQMSYGFLFPPYLSSSPEAKYDAFLVTNMVPMYPAFKRVWAYFQRVLVKKYASERNGVNVISGPIFDYNYDGLRD
TEDEIKQYVEGSSIPVPTHYYSIITSCLDFTQPADKCDGPLSVSSFILPHRPDNDESCNSSEDESKWVEELMKMHTARVR
DIEHLTGLDFYRKTSRSYSEILTLKTYLHTYESEIGGRHHHHHHHH
;
_entity_poly.pdbx_strand_id   A
#
loop_
_chem_comp.id
_chem_comp.type
_chem_comp.name
_chem_comp.formula
ACT non-polymer 'ACETATE ION' 'C2 H3 O2 -1'
BMA D-saccharide, beta linking beta-D-mannopyranose 'C6 H12 O6'
CA non-polymer 'CALCIUM ION' 'Ca 2'
CL non-polymer 'CHLORIDE ION' 'Cl -1'
K non-polymer 'POTASSIUM ION' 'K 1'
MAN D-saccharide, alpha linking alpha-D-mannopyranose 'C6 H12 O6'
NA non-polymer 'SODIUM ION' 'Na 1'
NAG D-saccharide, beta linking 2-acetamido-2-deoxy-beta-D-glucopyranose 'C8 H15 N O6'
XLE non-polymer 4-{[1-(3-{2-[(5-methyl-2H-tetrazol-2-yl)methyl]-4-(trifluoromethyl)phenyl}propanoyl)piperidin-4-yl]methyl}benzene-1-sulfonamide 'C25 H29 F3 N6 O3 S'
ZN non-polymer 'ZINC ION' 'Zn 2'
#
# COMPACT_ATOMS: atom_id res chain seq x y z
N TRP A 24 -6.64 -20.06 35.46
CA TRP A 24 -7.53 -21.22 35.81
C TRP A 24 -8.71 -21.39 34.84
N THR A 25 -9.07 -22.64 34.55
CA THR A 25 -10.32 -22.99 33.83
C THR A 25 -11.03 -24.17 34.52
N ALA A 26 -12.30 -23.97 34.86
CA ALA A 26 -13.15 -25.03 35.42
C ALA A 26 -13.70 -25.92 34.29
N THR A 27 -12.82 -26.75 33.71
CA THR A 27 -13.15 -27.54 32.48
C THR A 27 -14.29 -28.57 32.65
N SER A 28 -14.72 -28.79 33.91
CA SER A 28 -15.96 -29.52 34.28
C SER A 28 -17.35 -29.00 33.79
N GLY A 29 -17.45 -27.80 33.21
CA GLY A 29 -18.65 -27.43 32.41
C GLY A 29 -18.78 -28.30 31.16
N SER A 30 -19.83 -28.11 30.36
CA SER A 30 -20.07 -28.93 29.15
C SER A 30 -20.43 -28.08 27.91
N CYS A 31 -20.01 -28.55 26.72
CA CYS A 31 -20.33 -27.88 25.44
C CYS A 31 -21.67 -28.32 24.84
N LYS A 32 -22.47 -29.07 25.60
CA LYS A 32 -23.75 -29.55 25.11
C LYS A 32 -24.58 -28.32 24.72
N GLY A 33 -25.13 -28.37 23.51
CA GLY A 33 -25.83 -27.24 22.86
C GLY A 33 -25.04 -25.93 22.66
N ARG A 34 -23.71 -25.94 22.78
CA ARG A 34 -22.89 -24.72 22.72
C ARG A 34 -21.75 -24.79 21.68
N CYS A 35 -21.76 -25.77 20.79
CA CYS A 35 -20.58 -25.98 19.91
C CYS A 35 -20.42 -24.80 18.96
N PHE A 36 -19.23 -24.21 18.95
CA PHE A 36 -18.89 -23.05 18.11
C PHE A 36 -19.83 -21.89 18.39
N GLU A 37 -20.06 -21.68 19.68
CA GLU A 37 -20.89 -20.58 20.19
C GLU A 37 -20.25 -19.27 19.77
N LEU A 38 -21.09 -18.28 19.48
CA LEU A 38 -20.62 -17.00 18.96
C LEU A 38 -20.19 -16.01 20.04
N GLN A 39 -20.85 -16.00 21.19
CA GLN A 39 -20.46 -15.11 22.30
C GLN A 39 -19.45 -15.85 23.16
N GLU A 40 -18.29 -15.27 23.32
CA GLU A 40 -17.21 -15.84 24.12
C GLU A 40 -17.52 -15.65 25.61
N VAL A 41 -17.20 -16.66 26.43
CA VAL A 41 -17.49 -16.63 27.86
C VAL A 41 -16.20 -16.42 28.69
N GLY A 42 -16.42 -15.87 29.88
CA GLY A 42 -15.33 -15.35 30.71
C GLY A 42 -14.82 -16.38 31.69
N PRO A 43 -13.46 -16.48 31.85
CA PRO A 43 -12.88 -17.37 32.87
C PRO A 43 -13.42 -17.11 34.30
N PRO A 44 -13.49 -18.12 35.16
CA PRO A 44 -12.95 -19.46 34.90
C PRO A 44 -13.87 -20.42 34.11
N ASP A 45 -14.98 -19.92 33.52
CA ASP A 45 -15.93 -20.82 32.85
C ASP A 45 -15.30 -21.36 31.59
N CYS A 46 -15.59 -22.62 31.26
CA CYS A 46 -14.94 -23.27 30.13
C CYS A 46 -15.61 -22.90 28.79
N ARG A 47 -14.82 -22.97 27.72
CA ARG A 47 -15.18 -22.40 26.43
C ARG A 47 -15.48 -23.47 25.39
N CYS A 48 -16.27 -23.11 24.38
CA CYS A 48 -16.71 -24.00 23.29
C CYS A 48 -16.60 -23.32 21.89
N ASP A 49 -15.91 -22.19 21.84
CA ASP A 49 -15.81 -21.33 20.63
C ASP A 49 -14.62 -21.77 19.74
N ASN A 50 -14.49 -21.18 18.54
CA ASN A 50 -13.51 -21.72 17.61
C ASN A 50 -12.03 -21.43 17.96
N LEU A 51 -11.78 -20.66 19.02
CA LEU A 51 -10.44 -20.45 19.57
C LEU A 51 -10.15 -21.12 20.92
N CYS A 52 -11.11 -21.83 21.49
CA CYS A 52 -10.84 -22.42 22.81
C CYS A 52 -9.54 -23.27 22.85
N LYS A 53 -9.25 -24.05 21.82
CA LYS A 53 -8.03 -24.89 21.78
C LYS A 53 -6.74 -24.07 21.93
N SER A 54 -6.66 -22.97 21.21
CA SER A 54 -5.49 -22.06 21.28
C SER A 54 -5.25 -21.46 22.68
N TYR A 55 -6.34 -21.26 23.43
CA TYR A 55 -6.27 -20.77 24.82
C TYR A 55 -6.17 -21.88 25.90
N SER A 56 -6.12 -23.17 25.51
CA SER A 56 -6.18 -24.30 26.46
C SER A 56 -7.36 -24.18 27.44
N SER A 57 -8.53 -23.85 26.91
CA SER A 57 -9.69 -23.54 27.70
C SER A 57 -10.97 -24.29 27.32
N CYS A 58 -10.93 -25.25 26.41
CA CYS A 58 -12.15 -25.94 25.99
C CYS A 58 -12.76 -26.77 27.14
N CYS A 59 -14.09 -26.92 27.17
CA CYS A 59 -14.73 -27.85 28.13
C CYS A 59 -14.25 -29.28 27.84
N HIS A 60 -14.33 -30.13 28.87
CA HIS A 60 -13.87 -31.51 28.80
C HIS A 60 -14.40 -32.31 27.63
N ASP A 61 -15.64 -32.02 27.18
CA ASP A 61 -16.36 -32.78 26.13
C ASP A 61 -16.39 -32.13 24.74
N PHE A 62 -15.56 -31.11 24.56
CA PHE A 62 -15.50 -30.36 23.27
C PHE A 62 -15.14 -31.27 22.11
N ASP A 63 -14.08 -32.08 22.24
CA ASP A 63 -13.76 -33.02 21.15
C ASP A 63 -14.89 -33.95 20.80
N GLU A 64 -15.49 -34.59 21.81
CA GLU A 64 -16.59 -35.58 21.61
C GLU A 64 -17.84 -34.99 20.90
N LEU A 65 -18.27 -33.85 21.40
CA LEU A 65 -19.49 -33.15 20.91
C LEU A 65 -19.27 -32.25 19.68
N CYS A 66 -18.17 -31.50 19.63
CA CYS A 66 -17.95 -30.46 18.64
C CYS A 66 -17.00 -30.83 17.50
N LEU A 67 -16.10 -31.81 17.70
CA LEU A 67 -15.18 -32.25 16.66
C LEU A 67 -15.40 -33.71 16.21
N LYS A 68 -16.66 -34.07 15.96
CA LYS A 68 -16.98 -35.42 15.51
C LYS A 68 -16.37 -35.67 14.16
N THR A 69 -15.89 -36.90 13.95
CA THR A 69 -15.25 -37.31 12.69
C THR A 69 -15.81 -38.58 12.10
N ALA A 70 -16.74 -39.23 12.80
CA ALA A 70 -17.18 -40.56 12.39
C ALA A 70 -17.76 -40.56 11.00
N ARG A 71 -17.29 -41.53 10.21
CA ARG A 71 -17.70 -41.78 8.84
C ARG A 71 -17.22 -40.72 7.84
N GLY A 72 -16.34 -39.81 8.24
CA GLY A 72 -15.78 -38.83 7.31
C GLY A 72 -16.74 -37.73 6.85
N TRP A 73 -16.42 -37.13 5.70
CA TRP A 73 -16.99 -35.85 5.29
C TRP A 73 -17.87 -35.92 4.08
N GLU A 74 -18.09 -37.11 3.52
CA GLU A 74 -18.87 -37.23 2.28
C GLU A 74 -19.96 -38.32 2.40
N CYS A 75 -21.16 -38.03 1.87
CA CYS A 75 -22.22 -39.03 1.75
C CYS A 75 -21.77 -40.04 0.70
N THR A 76 -22.31 -41.25 0.79
CA THR A 76 -22.13 -42.34 -0.20
C THR A 76 -23.52 -42.87 -0.47
N LYS A 77 -23.70 -43.54 -1.61
CA LYS A 77 -25.04 -44.09 -2.00
C LYS A 77 -25.73 -44.84 -0.87
N ASP A 78 -25.01 -45.73 -0.20
CA ASP A 78 -25.56 -46.51 0.92
C ASP A 78 -26.05 -45.71 2.15
N ARG A 79 -25.56 -44.47 2.33
CA ARG A 79 -25.99 -43.63 3.47
C ARG A 79 -27.25 -42.84 3.18
N CYS A 80 -27.65 -42.73 1.92
CA CYS A 80 -28.77 -41.90 1.55
C CYS A 80 -30.03 -42.41 2.24
N GLY A 81 -30.79 -41.47 2.80
CA GLY A 81 -31.95 -41.78 3.62
C GLY A 81 -31.72 -42.55 4.91
N GLU A 82 -30.47 -42.63 5.41
CA GLU A 82 -30.17 -43.29 6.66
C GLU A 82 -31.01 -42.79 7.83
N VAL A 83 -31.03 -43.60 8.89
CA VAL A 83 -31.60 -43.20 10.15
C VAL A 83 -30.53 -42.30 10.78
N ARG A 84 -30.93 -41.12 11.23
CA ARG A 84 -30.00 -40.17 11.87
C ARG A 84 -29.18 -40.84 12.99
N ASN A 85 -27.86 -40.76 12.92
CA ASN A 85 -26.96 -41.15 14.01
C ASN A 85 -26.12 -39.91 14.40
N GLU A 86 -26.37 -39.37 15.59
CA GLU A 86 -25.77 -38.10 16.01
C GLU A 86 -24.25 -38.16 16.19
N GLU A 87 -23.68 -39.37 16.30
CA GLU A 87 -22.21 -39.54 16.31
C GLU A 87 -21.48 -39.15 14.99
N ASN A 88 -22.18 -39.11 13.87
CA ASN A 88 -21.54 -38.88 12.57
C ASN A 88 -21.07 -37.42 12.39
N ALA A 89 -19.97 -37.28 11.65
CA ALA A 89 -19.36 -35.95 11.36
C ALA A 89 -20.34 -35.04 10.63
N CYS A 90 -21.02 -35.61 9.66
CA CYS A 90 -22.11 -34.92 8.95
C CYS A 90 -23.17 -35.96 8.55
N HIS A 91 -24.28 -35.52 7.96
CA HIS A 91 -25.48 -36.37 7.84
C HIS A 91 -25.95 -36.54 6.43
N CYS A 92 -26.63 -37.68 6.17
CA CYS A 92 -27.23 -38.00 4.89
C CYS A 92 -28.69 -38.51 5.02
N SER A 93 -29.27 -38.20 6.17
CA SER A 93 -30.64 -38.56 6.48
C SER A 93 -31.57 -37.53 5.87
N GLU A 94 -32.83 -37.88 5.73
CA GLU A 94 -33.81 -37.00 5.08
C GLU A 94 -34.04 -35.69 5.82
N ASP A 95 -33.83 -35.68 7.13
CA ASP A 95 -33.99 -34.47 7.93
C ASP A 95 -32.79 -33.50 7.93
N CYS A 96 -31.70 -33.83 7.21
CA CYS A 96 -30.44 -33.05 7.34
C CYS A 96 -30.60 -31.61 6.81
N LEU A 97 -31.29 -31.41 5.69
CA LEU A 97 -31.45 -30.04 5.16
C LEU A 97 -32.14 -29.09 6.18
N SER A 98 -33.16 -29.55 6.90
CA SER A 98 -33.84 -28.71 7.93
C SER A 98 -33.01 -28.53 9.22
N ARG A 99 -32.18 -29.53 9.54
CA ARG A 99 -31.23 -29.41 10.65
C ARG A 99 -29.99 -28.54 10.28
N GLY A 100 -29.75 -28.30 9.00
CA GLY A 100 -28.57 -27.53 8.50
C GLY A 100 -27.21 -28.25 8.62
N ASP A 101 -27.20 -29.58 8.61
CA ASP A 101 -25.97 -30.35 8.88
C ASP A 101 -25.73 -31.52 7.93
N CYS A 102 -26.24 -31.45 6.71
CA CYS A 102 -25.89 -32.45 5.72
C CYS A 102 -24.37 -32.36 5.38
N CYS A 103 -23.75 -33.49 5.03
CA CYS A 103 -22.48 -33.43 4.27
C CYS A 103 -22.69 -32.54 3.03
N THR A 104 -21.63 -31.85 2.64
CA THR A 104 -21.78 -30.87 1.57
C THR A 104 -22.13 -31.50 0.24
N ASN A 105 -21.75 -32.76 0.02
CA ASN A 105 -22.14 -33.47 -1.24
C ASN A 105 -23.49 -34.26 -1.19
N TYR A 106 -24.27 -34.06 -0.14
CA TYR A 106 -25.57 -34.77 0.03
C TYR A 106 -26.51 -34.73 -1.19
N GLN A 107 -26.82 -33.54 -1.69
CA GLN A 107 -27.73 -33.43 -2.85
C GLN A 107 -27.18 -34.04 -4.12
N VAL A 108 -25.87 -34.00 -4.29
CA VAL A 108 -25.24 -34.64 -5.44
C VAL A 108 -25.34 -36.17 -5.38
N VAL A 109 -24.98 -36.74 -4.24
CA VAL A 109 -24.96 -38.19 -4.07
C VAL A 109 -26.40 -38.75 -4.03
N CYS A 110 -27.28 -38.09 -3.30
CA CYS A 110 -28.56 -38.65 -2.89
C CYS A 110 -29.75 -38.12 -3.63
N LYS A 111 -29.63 -36.96 -4.28
CA LYS A 111 -30.80 -36.32 -4.91
C LYS A 111 -30.57 -35.94 -6.36
N GLY A 112 -29.59 -36.55 -6.99
CA GLY A 112 -29.33 -36.32 -8.40
C GLY A 112 -28.83 -34.93 -8.82
N GLU A 113 -28.37 -34.10 -7.88
CA GLU A 113 -27.89 -32.73 -8.25
C GLU A 113 -26.46 -32.72 -8.82
N SER A 114 -26.14 -31.67 -9.57
CA SER A 114 -24.75 -31.38 -10.02
C SER A 114 -23.93 -30.62 -8.95
N HIS A 115 -22.62 -30.86 -8.95
CA HIS A 115 -21.69 -30.02 -8.19
C HIS A 115 -21.72 -28.63 -8.77
N TRP A 116 -21.57 -27.61 -7.94
CA TRP A 116 -21.55 -26.21 -8.39
C TRP A 116 -20.57 -25.98 -9.53
N VAL A 117 -19.36 -26.56 -9.45
CA VAL A 117 -18.32 -26.36 -10.47
C VAL A 117 -18.70 -26.86 -11.86
N ASP A 118 -19.61 -27.83 -11.92
CA ASP A 118 -20.09 -28.34 -13.19
C ASP A 118 -21.20 -27.52 -13.84
N ASP A 119 -21.81 -26.58 -13.13
CA ASP A 119 -22.87 -25.74 -13.70
C ASP A 119 -22.24 -24.62 -14.52
N ASP A 120 -22.90 -24.27 -15.62
CA ASP A 120 -22.47 -23.14 -16.47
C ASP A 120 -22.55 -21.87 -15.65
N CYS A 121 -21.69 -20.89 -15.90
CA CYS A 121 -21.92 -19.69 -15.15
CA CYS A 121 -21.74 -19.57 -15.27
C CYS A 121 -22.95 -18.78 -15.77
N GLU A 122 -23.73 -18.15 -14.88
CA GLU A 122 -24.88 -17.37 -15.32
C GLU A 122 -24.82 -16.13 -14.49
N GLU A 123 -24.92 -14.99 -15.14
CA GLU A 123 -24.90 -13.68 -14.49
C GLU A 123 -25.87 -13.62 -13.32
N ILE A 124 -25.42 -13.06 -12.20
CA ILE A 124 -26.24 -12.85 -11.01
C ILE A 124 -26.58 -11.34 -11.01
N LYS A 125 -27.72 -10.98 -11.61
CA LYS A 125 -28.10 -9.60 -11.79
C LYS A 125 -28.71 -9.02 -10.54
N VAL A 126 -29.41 -9.82 -9.75
CA VAL A 126 -29.98 -9.40 -8.48
C VAL A 126 -29.73 -10.50 -7.42
N PRO A 127 -29.67 -10.15 -6.16
CA PRO A 127 -29.55 -11.24 -5.14
C PRO A 127 -30.78 -12.14 -5.14
N GLU A 128 -30.57 -13.45 -5.15
CA GLU A 128 -31.67 -14.44 -5.10
C GLU A 128 -31.56 -15.14 -3.75
N CYS A 129 -32.22 -14.58 -2.72
CA CYS A 129 -32.01 -14.99 -1.34
C CYS A 129 -33.32 -15.61 -0.73
N PRO A 130 -33.18 -16.57 0.18
CA PRO A 130 -34.38 -17.07 0.92
C PRO A 130 -35.11 -15.95 1.69
N ALA A 131 -36.41 -16.15 1.92
CA ALA A 131 -37.17 -15.21 2.71
C ALA A 131 -36.56 -15.09 4.12
N GLY A 132 -36.55 -13.88 4.64
CA GLY A 132 -35.94 -13.63 5.93
C GLY A 132 -34.50 -13.13 5.89
N PHE A 133 -33.79 -13.30 4.77
CA PHE A 133 -32.46 -12.67 4.61
C PHE A 133 -32.61 -11.15 4.32
N VAL A 134 -32.12 -10.30 5.24
CA VAL A 134 -32.17 -8.81 5.09
C VAL A 134 -31.14 -8.21 4.12
N ARG A 135 -30.04 -8.92 3.87
CA ARG A 135 -28.93 -8.44 3.01
C ARG A 135 -28.15 -9.69 2.57
N PRO A 136 -27.50 -9.64 1.42
CA PRO A 136 -26.61 -10.74 1.01
C PRO A 136 -25.48 -10.92 2.06
N PRO A 137 -25.31 -12.14 2.58
CA PRO A 137 -24.14 -12.36 3.46
C PRO A 137 -22.80 -12.21 2.69
N LEU A 138 -21.74 -11.91 3.46
CA LEU A 138 -20.37 -11.85 2.94
C LEU A 138 -19.53 -12.99 3.58
N ILE A 139 -18.91 -13.80 2.74
CA ILE A 139 -17.97 -14.87 3.21
C ILE A 139 -16.58 -14.55 2.66
N ILE A 140 -15.61 -14.36 3.56
CA ILE A 140 -14.23 -14.07 3.18
C ILE A 140 -13.46 -15.43 3.25
N PHE A 141 -12.99 -15.93 2.12
CA PHE A 141 -12.18 -17.19 2.09
C PHE A 141 -10.69 -16.80 1.97
N SER A 142 -9.97 -16.80 3.07
CA SER A 142 -8.62 -16.29 3.10
C SER A 142 -7.57 -17.42 3.09
N VAL A 143 -6.53 -17.26 2.26
CA VAL A 143 -5.48 -18.30 2.01
C VAL A 143 -4.07 -17.73 2.32
N ASP A 144 -3.34 -18.35 3.22
CA ASP A 144 -1.98 -17.95 3.60
C ASP A 144 -0.96 -18.35 2.52
N GLY A 145 -0.11 -17.42 2.09
CA GLY A 145 0.96 -17.75 1.16
C GLY A 145 0.59 -17.98 -0.30
N PHE A 146 -0.59 -17.54 -0.70
CA PHE A 146 -1.12 -17.82 -2.01
C PHE A 146 -0.59 -16.73 -2.99
N ARG A 147 0.52 -17.06 -3.61
CA ARG A 147 1.20 -16.22 -4.59
C ARG A 147 0.32 -15.98 -5.83
N ALA A 148 0.29 -14.74 -6.33
CA ALA A 148 -0.56 -14.33 -7.45
C ALA A 148 -0.46 -15.24 -8.67
N SER A 149 0.75 -15.69 -9.01
CA SER A 149 0.90 -16.48 -10.21
C SER A 149 0.32 -17.89 -10.12
N TYR A 150 -0.06 -18.35 -8.93
CA TYR A 150 -0.72 -19.63 -8.79
C TYR A 150 -2.03 -19.67 -9.58
N MET A 151 -2.71 -18.52 -9.72
CA MET A 151 -4.01 -18.51 -10.43
C MET A 151 -3.88 -19.01 -11.86
N LYS A 152 -2.83 -18.59 -12.57
CA LYS A 152 -2.57 -19.12 -13.92
C LYS A 152 -1.80 -20.46 -13.91
N LYS A 153 -0.70 -20.51 -13.17
CA LYS A 153 0.20 -21.68 -13.17
C LYS A 153 -0.49 -22.93 -12.61
N GLY A 154 -1.39 -22.78 -11.65
CA GLY A 154 -2.12 -23.91 -11.07
C GLY A 154 -3.54 -24.10 -11.57
N SER A 155 -3.94 -23.38 -12.60
CA SER A 155 -5.36 -23.36 -12.99
C SER A 155 -5.93 -24.73 -13.39
N LYS A 156 -5.10 -25.62 -13.94
CA LYS A 156 -5.54 -26.99 -14.32
C LYS A 156 -5.95 -27.86 -13.13
N VAL A 157 -5.40 -27.60 -11.96
CA VAL A 157 -5.74 -28.38 -10.77
C VAL A 157 -6.70 -27.64 -9.76
N MET A 158 -7.21 -26.45 -10.17
CA MET A 158 -8.10 -25.65 -9.30
C MET A 158 -9.39 -25.23 -10.03
N PRO A 159 -10.24 -26.22 -10.40
CA PRO A 159 -11.43 -25.86 -11.20
C PRO A 159 -12.49 -24.96 -10.48
N ASN A 160 -12.72 -25.15 -9.18
CA ASN A 160 -13.67 -24.31 -8.45
C ASN A 160 -13.18 -22.83 -8.36
N ILE A 161 -11.90 -22.69 -8.02
CA ILE A 161 -11.27 -21.38 -7.95
C ILE A 161 -11.25 -20.67 -9.33
N GLU A 162 -10.95 -21.44 -10.39
CA GLU A 162 -10.95 -20.92 -11.76
C GLU A 162 -12.32 -20.42 -12.18
N LYS A 163 -13.37 -21.12 -11.76
CA LYS A 163 -14.75 -20.67 -12.03
C LYS A 163 -15.10 -19.36 -11.28
N LEU A 164 -14.72 -19.28 -10.00
CA LEU A 164 -14.91 -18.03 -9.26
C LEU A 164 -14.19 -16.88 -10.01
N ARG A 165 -12.98 -17.15 -10.44
CA ARG A 165 -12.14 -16.14 -11.08
C ARG A 165 -12.71 -15.67 -12.43
N SER A 166 -13.04 -16.63 -13.31
CA SER A 166 -13.52 -16.31 -14.67
C SER A 166 -14.93 -15.73 -14.66
N CYS A 167 -15.81 -16.16 -13.76
CA CYS A 167 -17.20 -15.71 -13.76
CA CYS A 167 -17.22 -15.74 -13.74
C CYS A 167 -17.44 -14.43 -12.95
N GLY A 168 -16.59 -14.17 -11.96
CA GLY A 168 -16.73 -13.00 -11.10
C GLY A 168 -15.89 -11.82 -11.54
N THR A 169 -15.41 -11.08 -10.53
CA THR A 169 -14.53 -9.97 -10.70
C THR A 169 -13.12 -10.38 -10.15
N HIS A 170 -12.06 -10.14 -10.92
CA HIS A 170 -10.70 -10.53 -10.48
C HIS A 170 -9.67 -9.46 -10.82
N ALA A 171 -8.61 -9.38 -10.02
CA ALA A 171 -7.43 -8.60 -10.38
C ALA A 171 -6.33 -9.60 -10.80
N PRO A 172 -5.40 -9.19 -11.65
CA PRO A 172 -4.25 -10.12 -12.01
C PRO A 172 -3.36 -10.34 -10.78
N TYR A 173 -3.34 -9.37 -9.86
CA TYR A 173 -2.77 -9.53 -8.52
C TYR A 173 -3.19 -8.42 -7.61
N MET A 174 -2.95 -8.61 -6.30
CA MET A 174 -3.25 -7.60 -5.27
C MET A 174 -1.94 -7.38 -4.50
N ARG A 175 -1.64 -6.13 -4.23
CA ARG A 175 -0.40 -5.77 -3.54
C ARG A 175 -0.60 -5.84 -2.02
N PRO A 176 0.29 -6.58 -1.32
CA PRO A 176 0.20 -6.64 0.15
C PRO A 176 0.85 -5.42 0.75
N VAL A 177 0.82 -5.31 2.08
CA VAL A 177 1.57 -4.26 2.81
C VAL A 177 2.95 -4.80 3.30
N TYR A 178 3.88 -3.89 3.53
CA TYR A 178 5.21 -4.21 4.08
C TYR A 178 5.16 -4.20 5.59
N PRO A 179 5.81 -5.14 6.29
CA PRO A 179 6.41 -6.29 5.72
C PRO A 179 5.40 -7.32 5.31
N THR A 180 5.80 -8.11 4.31
CA THR A 180 4.92 -9.05 3.67
C THR A 180 4.90 -10.36 4.47
N LYS A 181 4.47 -10.22 5.70
CA LYS A 181 4.32 -11.28 6.66
C LYS A 181 2.82 -11.46 6.98
N THR A 182 2.49 -12.55 7.65
CA THR A 182 1.09 -12.99 7.84
C THR A 182 0.24 -12.07 8.74
N PHE A 183 0.70 -11.84 9.96
CA PHE A 183 -0.08 -11.07 10.92
C PHE A 183 -0.29 -9.60 10.48
N PRO A 184 0.78 -8.92 9.99
CA PRO A 184 0.54 -7.57 9.50
C PRO A 184 -0.45 -7.50 8.36
N ASN A 185 -0.38 -8.44 7.43
CA ASN A 185 -1.32 -8.42 6.29
C ASN A 185 -2.75 -8.84 6.59
N LEU A 186 -2.97 -9.86 7.43
CA LEU A 186 -4.36 -10.21 7.79
C LEU A 186 -5.03 -9.05 8.53
N TYR A 187 -4.29 -8.39 9.41
CA TYR A 187 -4.90 -7.34 10.18
C TYR A 187 -5.10 -6.04 9.35
N THR A 188 -4.23 -5.77 8.37
CA THR A 188 -4.46 -4.73 7.37
C THR A 188 -5.74 -5.03 6.55
N LEU A 189 -5.94 -6.29 6.14
CA LEU A 189 -7.16 -6.67 5.40
C LEU A 189 -8.41 -6.35 6.28
N ALA A 190 -8.32 -6.65 7.57
CA ALA A 190 -9.41 -6.47 8.50
C ALA A 190 -9.71 -5.01 8.89
N THR A 191 -8.73 -4.10 8.80
CA THR A 191 -8.84 -2.73 9.31
C THR A 191 -8.74 -1.56 8.29
N GLY A 192 -8.19 -1.83 7.12
CA GLY A 192 -7.79 -0.83 6.16
C GLY A 192 -6.64 0.09 6.56
N LEU A 193 -5.89 -0.29 7.58
CA LEU A 193 -4.77 0.51 8.09
C LEU A 193 -3.41 -0.04 7.72
N TYR A 194 -2.43 0.87 7.48
CA TYR A 194 -1.02 0.45 7.45
C TYR A 194 -0.61 -0.15 8.84
N PRO A 195 0.31 -1.12 8.83
CA PRO A 195 0.86 -1.65 10.07
C PRO A 195 1.36 -0.62 11.07
N GLU A 196 2.02 0.44 10.62
CA GLU A 196 2.46 1.49 11.55
C GLU A 196 1.30 2.10 12.34
N SER A 197 0.07 2.10 11.79
CA SER A 197 -1.09 2.64 12.47
C SER A 197 -1.87 1.59 13.28
N HIS A 198 -2.02 0.38 12.78
CA HIS A 198 -2.71 -0.68 13.52
C HIS A 198 -1.84 -1.33 14.63
N GLY A 199 -0.55 -1.23 14.50
CA GLY A 199 0.38 -1.65 15.57
C GLY A 199 1.00 -3.05 15.39
N ILE A 200 0.49 -3.85 14.46
CA ILE A 200 1.06 -5.17 14.17
C ILE A 200 2.11 -5.05 13.08
N VAL A 201 3.32 -4.67 13.49
CA VAL A 201 4.38 -4.20 12.56
C VAL A 201 5.31 -5.36 12.14
N GLY A 202 5.11 -6.53 12.71
CA GLY A 202 5.79 -7.76 12.31
C GLY A 202 5.08 -8.97 12.96
N ASN A 203 5.56 -10.15 12.64
CA ASN A 203 5.14 -11.38 13.35
C ASN A 203 5.81 -11.45 14.74
N SER A 204 6.93 -10.73 14.93
CA SER A 204 7.61 -10.58 16.24
C SER A 204 7.87 -9.09 16.58
N MET A 205 7.61 -8.65 17.84
CA MET A 205 7.72 -7.24 18.22
C MET A 205 8.11 -7.02 19.67
N TYR A 206 8.81 -5.91 19.92
CA TYR A 206 9.09 -5.46 21.32
C TYR A 206 8.48 -4.09 21.46
N ASP A 207 7.65 -3.88 22.48
CA ASP A 207 7.12 -2.54 22.77
C ASP A 207 7.83 -1.94 24.02
N PRO A 208 8.63 -0.91 23.83
CA PRO A 208 9.42 -0.35 24.97
C PRO A 208 8.62 0.40 26.04
N VAL A 209 7.40 0.87 25.73
CA VAL A 209 6.53 1.52 26.74
C VAL A 209 5.90 0.46 27.64
N PHE A 210 5.41 -0.61 27.01
CA PHE A 210 4.91 -1.78 27.76
C PHE A 210 6.05 -2.56 28.44
N ASP A 211 7.27 -2.49 27.90
CA ASP A 211 8.32 -3.46 28.15
C ASP A 211 7.74 -4.87 27.95
N ALA A 212 7.21 -5.16 26.78
CA ALA A 212 6.61 -6.48 26.53
C ALA A 212 6.93 -6.95 25.11
N SER A 213 7.11 -8.27 24.94
CA SER A 213 7.42 -8.89 23.64
C SER A 213 6.24 -9.72 23.06
N PHE A 214 5.97 -9.54 21.77
CA PHE A 214 4.89 -10.24 21.04
C PHE A 214 5.58 -11.26 20.15
N HIS A 215 5.04 -12.47 20.14
CA HIS A 215 5.59 -13.57 19.32
C HIS A 215 4.43 -14.37 18.67
N LEU A 216 4.76 -15.08 17.58
CA LEU A 216 3.86 -16.03 16.93
C LEU A 216 3.32 -17.07 17.91
N ARG A 217 4.23 -17.70 18.64
CA ARG A 217 3.91 -18.66 19.70
C ARG A 217 3.63 -17.95 21.03
N GLY A 218 2.69 -18.48 21.80
CA GLY A 218 2.49 -18.05 23.17
C GLY A 218 1.33 -17.10 23.35
N ARG A 219 1.21 -16.59 24.57
CA ARG A 219 0.00 -15.92 25.04
C ARG A 219 0.00 -14.38 24.98
N GLU A 220 1.17 -13.72 24.90
CA GLU A 220 1.21 -12.24 24.92
C GLU A 220 0.38 -11.61 23.77
N LYS A 221 0.45 -12.25 22.60
CA LYS A 221 -0.35 -11.86 21.42
C LYS A 221 -1.88 -11.86 21.62
N PHE A 222 -2.41 -12.49 22.67
CA PHE A 222 -3.88 -12.45 22.94
C PHE A 222 -4.29 -11.17 23.68
N ASN A 223 -3.32 -10.39 24.15
CA ASN A 223 -3.64 -9.19 24.93
C ASN A 223 -4.10 -8.15 23.89
N HIS A 224 -5.27 -7.57 24.11
CA HIS A 224 -5.90 -6.64 23.16
C HIS A 224 -5.08 -5.35 22.95
N ARG A 225 -4.18 -4.99 23.87
CA ARG A 225 -3.37 -3.75 23.72
C ARG A 225 -2.46 -3.71 22.48
N TRP A 226 -2.12 -4.86 21.91
CA TRP A 226 -1.32 -4.89 20.68
C TRP A 226 -2.10 -4.41 19.42
N TRP A 227 -3.42 -4.65 19.41
CA TRP A 227 -4.24 -4.61 18.22
C TRP A 227 -5.04 -3.30 18.18
N GLY A 228 -4.56 -2.31 17.41
CA GLY A 228 -5.23 -1.02 17.31
C GLY A 228 -6.23 -0.97 16.17
N GLY A 229 -6.75 0.22 15.93
CA GLY A 229 -7.80 0.40 14.93
C GLY A 229 -9.10 -0.34 15.22
N GLN A 230 -9.91 -0.57 14.20
CA GLN A 230 -11.21 -1.21 14.41
C GLN A 230 -11.43 -2.22 13.28
N PRO A 231 -11.31 -3.51 13.58
CA PRO A 231 -11.50 -4.55 12.54
C PRO A 231 -12.95 -4.76 12.12
N LEU A 232 -13.12 -5.32 10.95
CA LEU A 232 -14.43 -5.45 10.31
C LEU A 232 -15.51 -6.09 11.21
N TRP A 233 -15.14 -7.12 11.94
CA TRP A 233 -16.14 -7.82 12.81
C TRP A 233 -16.63 -6.86 13.92
N ILE A 234 -15.79 -5.93 14.39
CA ILE A 234 -16.20 -4.92 15.41
C ILE A 234 -17.02 -3.82 14.78
N THR A 235 -16.58 -3.36 13.59
CA THR A 235 -17.34 -2.37 12.86
C THR A 235 -18.79 -2.87 12.61
N ALA A 236 -18.92 -4.12 12.22
CA ALA A 236 -20.24 -4.71 11.97
C ALA A 236 -21.10 -4.74 13.26
N THR A 237 -20.53 -5.27 14.33
CA THR A 237 -21.23 -5.51 15.60
C THR A 237 -21.73 -4.17 16.16
N LYS A 238 -20.85 -3.18 16.22
CA LYS A 238 -21.25 -1.80 16.61
C LYS A 238 -22.38 -1.19 15.82
N GLN A 239 -22.59 -1.57 14.57
CA GLN A 239 -23.63 -1.00 13.74
C GLN A 239 -24.79 -1.97 13.55
N GLY A 240 -24.88 -2.98 14.40
CA GLY A 240 -26.03 -3.91 14.41
C GLY A 240 -26.04 -4.99 13.34
N VAL A 241 -24.87 -5.31 12.76
CA VAL A 241 -24.72 -6.37 11.79
C VAL A 241 -23.95 -7.48 12.50
N ARG A 242 -24.57 -8.65 12.67
CA ARG A 242 -23.93 -9.77 13.39
C ARG A 242 -22.79 -10.46 12.60
N ALA A 243 -21.75 -10.83 13.33
CA ALA A 243 -20.56 -11.46 12.72
C ALA A 243 -20.24 -12.84 13.26
N GLY A 244 -19.86 -13.77 12.37
CA GLY A 244 -19.15 -15.01 12.76
C GLY A 244 -17.81 -14.68 13.41
N THR A 245 -17.28 -15.60 14.22
CA THR A 245 -15.95 -15.43 14.78
C THR A 245 -14.96 -15.77 13.62
N PHE A 246 -14.05 -14.86 13.27
CA PHE A 246 -13.17 -15.00 12.08
C PHE A 246 -12.02 -16.01 12.22
N PHE A 247 -11.55 -16.18 13.44
CA PHE A 247 -10.33 -16.97 13.77
C PHE A 247 -10.63 -18.44 13.99
N TRP A 248 -9.68 -19.33 13.64
CA TRP A 248 -9.85 -20.79 13.81
C TRP A 248 -8.56 -21.41 14.39
N SER A 249 -8.66 -22.10 15.52
CA SER A 249 -7.50 -22.89 16.03
C SER A 249 -7.02 -23.92 15.01
N VAL A 250 -5.69 -24.07 14.94
CA VAL A 250 -5.02 -24.84 13.87
C VAL A 250 -5.52 -26.29 13.80
N SER A 251 -5.90 -26.90 14.93
CA SER A 251 -6.32 -28.33 14.91
C SER A 251 -7.75 -28.57 14.42
N ILE A 252 -8.55 -27.51 14.19
CA ILE A 252 -9.88 -27.72 13.64
C ILE A 252 -9.75 -27.99 12.16
N PRO A 253 -10.23 -29.16 11.68
CA PRO A 253 -9.90 -29.41 10.29
C PRO A 253 -10.74 -28.54 9.35
N HIS A 254 -10.23 -28.32 8.15
CA HIS A 254 -10.94 -27.45 7.19
C HIS A 254 -12.39 -27.85 6.90
N GLU A 255 -12.65 -29.15 6.79
CA GLU A 255 -13.99 -29.65 6.56
C GLU A 255 -14.98 -29.18 7.66
N ARG A 256 -14.51 -29.16 8.89
CA ARG A 256 -15.32 -28.75 10.04
C ARG A 256 -15.49 -27.22 10.10
N ARG A 257 -14.50 -26.46 9.62
CA ARG A 257 -14.65 -25.00 9.52
C ARG A 257 -15.81 -24.66 8.56
N ILE A 258 -15.82 -25.30 7.41
CA ILE A 258 -16.85 -25.12 6.37
C ILE A 258 -18.24 -25.56 6.90
N LEU A 259 -18.31 -26.71 7.55
CA LEU A 259 -19.58 -27.20 8.11
C LEU A 259 -20.12 -26.24 9.18
N THR A 260 -19.23 -25.71 9.99
CA THR A 260 -19.57 -24.72 10.98
C THR A 260 -20.18 -23.42 10.36
N ILE A 261 -19.54 -22.85 9.33
CA ILE A 261 -20.10 -21.69 8.60
C ILE A 261 -21.52 -22.00 8.05
N LEU A 262 -21.65 -23.16 7.42
CA LEU A 262 -22.91 -23.57 6.82
C LEU A 262 -24.03 -23.77 7.86
N GLN A 263 -23.67 -24.31 9.00
CA GLN A 263 -24.62 -24.45 10.12
C GLN A 263 -25.06 -23.06 10.68
N TRP A 264 -24.12 -22.12 10.81
CA TRP A 264 -24.46 -20.75 11.25
C TRP A 264 -25.41 -20.08 10.27
N LEU A 265 -25.23 -20.37 9.00
CA LEU A 265 -26.12 -19.83 7.97
C LEU A 265 -27.55 -20.41 8.01
N SER A 266 -27.78 -21.47 8.78
CA SER A 266 -29.13 -22.00 9.01
C SER A 266 -29.76 -21.52 10.34
N LEU A 267 -29.06 -20.69 11.12
CA LEU A 267 -29.66 -20.11 12.32
C LEU A 267 -30.94 -19.28 11.97
N PRO A 268 -31.87 -19.14 12.93
CA PRO A 268 -33.00 -18.20 12.74
C PRO A 268 -32.50 -16.79 12.46
N ASP A 269 -33.37 -16.00 11.81
CA ASP A 269 -33.04 -14.67 11.30
C ASP A 269 -32.42 -13.74 12.31
N ASN A 270 -32.97 -13.68 13.52
CA ASN A 270 -32.47 -12.82 14.55
C ASN A 270 -31.13 -13.28 15.20
N GLU A 271 -30.68 -14.50 14.92
CA GLU A 271 -29.43 -15.04 15.48
C GLU A 271 -28.29 -15.22 14.43
N ARG A 272 -28.62 -15.13 13.16
CA ARG A 272 -27.73 -15.55 12.09
C ARG A 272 -26.77 -14.42 11.72
N PRO A 273 -25.45 -14.69 11.71
CA PRO A 273 -24.57 -13.62 11.20
C PRO A 273 -24.72 -13.28 9.73
N SER A 274 -24.28 -12.06 9.37
CA SER A 274 -24.19 -11.61 7.98
C SER A 274 -22.75 -11.60 7.41
N VAL A 275 -21.73 -11.71 8.26
CA VAL A 275 -20.37 -11.72 7.77
C VAL A 275 -19.61 -12.85 8.46
N TYR A 276 -18.80 -13.52 7.65
CA TYR A 276 -18.01 -14.72 8.02
C TYR A 276 -16.61 -14.71 7.42
N ALA A 277 -15.68 -15.42 8.08
CA ALA A 277 -14.38 -15.73 7.46
C ALA A 277 -13.95 -17.20 7.66
N PHE A 278 -13.40 -17.76 6.57
CA PHE A 278 -12.61 -19.00 6.60
C PHE A 278 -11.12 -18.64 6.44
N TYR A 279 -10.22 -19.41 7.06
CA TYR A 279 -8.78 -19.22 6.97
C TYR A 279 -8.15 -20.59 6.71
N SER A 280 -7.24 -20.62 5.73
CA SER A 280 -6.34 -21.77 5.44
C SER A 280 -4.88 -21.40 5.70
N GLU A 281 -4.19 -22.24 6.46
CA GLU A 281 -2.72 -22.17 6.66
C GLU A 281 -1.90 -22.58 5.41
N GLN A 282 -2.56 -23.20 4.44
CA GLN A 282 -2.01 -23.58 3.15
C GLN A 282 -2.39 -22.55 2.06
N PRO A 283 -1.55 -22.35 1.05
CA PRO A 283 -0.35 -23.14 0.75
C PRO A 283 0.96 -22.70 1.45
N ASP A 284 0.93 -21.68 2.31
CA ASP A 284 2.13 -21.19 3.05
C ASP A 284 2.94 -22.33 3.72
N PHE A 285 2.24 -23.22 4.44
CA PHE A 285 2.93 -24.24 5.23
C PHE A 285 3.84 -25.09 4.34
N SER A 286 3.32 -25.58 3.24
CA SER A 286 4.12 -26.41 2.35
C SER A 286 5.16 -25.56 1.57
N GLY A 287 4.77 -24.34 1.16
CA GLY A 287 5.67 -23.41 0.45
C GLY A 287 6.98 -23.10 1.17
N HIS A 288 6.93 -22.93 2.49
CA HIS A 288 8.16 -22.79 3.26
C HIS A 288 9.08 -24.02 3.11
N LYS A 289 8.50 -25.21 3.12
CA LYS A 289 9.28 -26.47 3.01
C LYS A 289 9.82 -26.77 1.62
N TYR A 290 9.02 -26.50 0.58
CA TYR A 290 9.31 -26.95 -0.79
C TYR A 290 9.63 -25.86 -1.80
N GLY A 291 9.50 -24.59 -1.40
CA GLY A 291 9.60 -23.45 -2.34
C GLY A 291 8.30 -23.22 -3.09
N PRO A 292 8.15 -22.04 -3.72
CA PRO A 292 6.85 -21.65 -4.27
C PRO A 292 6.34 -22.58 -5.36
N PHE A 293 7.25 -23.17 -6.14
CA PHE A 293 6.87 -24.08 -7.28
C PHE A 293 7.44 -25.50 -7.19
N GLY A 294 7.82 -25.92 -5.97
CA GLY A 294 8.21 -27.30 -5.71
C GLY A 294 7.14 -28.28 -6.19
N PRO A 295 7.55 -29.47 -6.72
CA PRO A 295 6.53 -30.41 -7.19
C PRO A 295 5.53 -30.86 -6.12
N GLU A 296 5.94 -30.77 -4.86
CA GLU A 296 5.06 -31.06 -3.72
C GLU A 296 3.93 -29.99 -3.54
N MET A 297 3.99 -28.88 -4.28
CA MET A 297 2.94 -27.83 -4.14
C MET A 297 1.61 -28.11 -4.84
N THR A 298 1.56 -29.08 -5.76
CA THR A 298 0.36 -29.34 -6.52
C THR A 298 -0.73 -29.86 -5.57
N ASN A 299 -0.39 -30.81 -4.71
CA ASN A 299 -1.39 -31.35 -3.80
C ASN A 299 -2.07 -30.33 -2.85
N PRO A 300 -1.30 -29.45 -2.21
CA PRO A 300 -1.93 -28.42 -1.39
C PRO A 300 -2.88 -27.51 -2.17
N LEU A 301 -2.55 -27.19 -3.43
CA LEU A 301 -3.46 -26.42 -4.28
C LEU A 301 -4.74 -27.20 -4.60
N ARG A 302 -4.62 -28.48 -4.91
CA ARG A 302 -5.76 -29.37 -5.12
C ARG A 302 -6.67 -29.39 -3.90
N GLU A 303 -6.08 -29.46 -2.72
CA GLU A 303 -6.83 -29.61 -1.49
C GLU A 303 -7.61 -28.29 -1.20
N ILE A 304 -6.97 -27.14 -1.41
CA ILE A 304 -7.67 -25.86 -1.20
C ILE A 304 -8.86 -25.76 -2.17
N ASP A 305 -8.68 -26.15 -3.43
CA ASP A 305 -9.78 -26.12 -4.39
C ASP A 305 -10.97 -26.99 -4.00
N LYS A 306 -10.64 -28.16 -3.46
CA LYS A 306 -11.67 -29.06 -2.93
C LYS A 306 -12.49 -28.41 -1.79
N THR A 307 -11.83 -27.70 -0.88
CA THR A 307 -12.48 -26.94 0.19
C THR A 307 -13.43 -25.84 -0.38
N VAL A 308 -12.98 -25.11 -1.41
CA VAL A 308 -13.86 -24.13 -2.06
C VAL A 308 -15.11 -24.84 -2.61
N GLY A 309 -14.91 -25.98 -3.26
CA GLY A 309 -16.01 -26.79 -3.81
C GLY A 309 -17.02 -27.21 -2.76
N GLN A 310 -16.53 -27.61 -1.59
CA GLN A 310 -17.41 -27.99 -0.45
C GLN A 310 -18.29 -26.80 0.00
N LEU A 311 -17.69 -25.63 0.10
CA LEU A 311 -18.43 -24.40 0.44
C LEU A 311 -19.48 -24.09 -0.62
N MET A 312 -19.09 -24.05 -1.89
CA MET A 312 -20.04 -23.71 -2.93
C MET A 312 -21.19 -24.74 -3.05
N ASP A 313 -20.89 -26.03 -2.95
CA ASP A 313 -21.94 -27.07 -2.95
C ASP A 313 -22.84 -26.89 -1.75
N GLY A 314 -22.25 -26.60 -0.61
CA GLY A 314 -23.01 -26.35 0.58
C GLY A 314 -23.94 -25.14 0.48
N LEU A 315 -23.44 -24.07 -0.15
CA LEU A 315 -24.27 -22.87 -0.35
C LEU A 315 -25.42 -23.23 -1.32
N LYS A 316 -25.12 -24.01 -2.36
CA LYS A 316 -26.12 -24.39 -3.36
C LYS A 316 -27.31 -25.17 -2.71
N GLN A 317 -27.00 -26.10 -1.79
CA GLN A 317 -27.97 -26.83 -0.96
C GLN A 317 -28.87 -25.92 -0.14
N LEU A 318 -28.29 -24.88 0.44
CA LEU A 318 -29.06 -23.91 1.19
C LEU A 318 -29.75 -22.87 0.29
N ARG A 319 -29.68 -22.98 -1.04
CA ARG A 319 -30.22 -21.97 -1.97
C ARG A 319 -29.61 -20.58 -1.73
N LEU A 320 -28.30 -20.55 -1.44
CA LEU A 320 -27.56 -19.34 -1.17
C LEU A 320 -26.48 -19.00 -2.20
N HIS A 321 -26.23 -19.89 -3.15
CA HIS A 321 -25.19 -19.75 -4.14
C HIS A 321 -25.35 -18.56 -5.08
N ARG A 322 -26.55 -17.95 -5.16
CA ARG A 322 -26.77 -16.71 -5.92
C ARG A 322 -27.27 -15.55 -5.02
N CYS A 323 -26.91 -15.65 -3.75
CA CYS A 323 -27.25 -14.71 -2.70
C CYS A 323 -25.98 -14.17 -2.00
N VAL A 324 -25.07 -15.07 -1.61
CA VAL A 324 -23.83 -14.68 -0.88
C VAL A 324 -22.78 -13.98 -1.79
N ASN A 325 -22.13 -12.93 -1.28
CA ASN A 325 -20.90 -12.44 -1.89
C ASN A 325 -19.68 -13.19 -1.26
N VAL A 326 -18.85 -13.79 -2.13
CA VAL A 326 -17.65 -14.52 -1.73
C VAL A 326 -16.39 -13.76 -2.14
N ILE A 327 -15.46 -13.59 -1.22
CA ILE A 327 -14.14 -13.00 -1.53
C ILE A 327 -13.10 -14.09 -1.32
N PHE A 328 -12.31 -14.36 -2.34
CA PHE A 328 -11.13 -15.28 -2.26
C PHE A 328 -9.92 -14.36 -2.28
N VAL A 329 -9.18 -14.32 -1.20
CA VAL A 329 -8.11 -13.36 -1.00
C VAL A 329 -6.94 -14.00 -0.26
N GLY A 330 -5.72 -13.56 -0.64
CA GLY A 330 -4.49 -13.99 0.01
C GLY A 330 -3.86 -12.90 0.83
N ASP A 331 -2.96 -13.30 1.71
CA ASP A 331 -2.23 -12.32 2.52
C ASP A 331 -0.90 -11.83 1.88
N HIS A 332 -0.14 -12.73 1.23
CA HIS A 332 1.16 -12.43 0.62
C HIS A 332 1.54 -13.67 -0.21
N GLY A 333 2.62 -13.55 -1.00
CA GLY A 333 3.10 -14.63 -1.85
C GLY A 333 4.22 -15.41 -1.13
N MET A 334 5.16 -15.90 -1.95
CA MET A 334 6.24 -16.80 -1.50
C MET A 334 7.37 -16.78 -2.51
N GLU A 335 8.61 -16.68 -2.03
CA GLU A 335 9.83 -16.62 -2.85
C GLU A 335 10.76 -17.83 -2.55
N ASP A 336 11.63 -18.19 -3.50
CA ASP A 336 12.73 -19.19 -3.25
C ASP A 336 13.80 -18.60 -2.34
N VAL A 337 14.01 -19.21 -1.19
CA VAL A 337 14.97 -18.75 -0.20
C VAL A 337 15.56 -20.00 0.48
N THR A 338 16.90 -20.12 0.44
CA THR A 338 17.64 -21.21 1.15
C THR A 338 18.70 -20.74 2.14
N CYS A 339 19.05 -21.62 3.10
CA CYS A 339 20.02 -21.30 4.22
C CYS A 339 21.36 -20.78 3.72
N ASP A 340 21.81 -21.27 2.59
CA ASP A 340 23.07 -20.77 2.02
C ASP A 340 23.02 -19.33 1.52
N ARG A 341 21.82 -18.77 1.26
CA ARG A 341 21.71 -17.35 0.89
C ARG A 341 21.38 -16.53 2.14
N THR A 342 22.33 -16.50 3.07
CA THR A 342 22.20 -15.74 4.30
C THR A 342 23.45 -14.86 4.45
N GLU A 343 23.22 -13.58 4.72
CA GLU A 343 24.27 -12.61 5.05
C GLU A 343 24.36 -12.55 6.57
N PHE A 344 25.58 -12.44 7.12
CA PHE A 344 25.79 -12.46 8.56
C PHE A 344 26.35 -11.16 9.07
N LEU A 345 25.67 -10.53 10.02
CA LEU A 345 26.18 -9.27 10.57
C LEU A 345 27.57 -9.41 11.24
N SER A 346 27.90 -10.62 11.73
CA SER A 346 29.27 -10.91 12.26
C SER A 346 30.40 -10.69 11.21
N ASN A 347 30.09 -10.71 9.92
CA ASN A 347 31.06 -10.29 8.86
C ASN A 347 31.19 -8.77 8.58
N TYR A 348 30.48 -7.93 9.35
CA TYR A 348 30.52 -6.49 9.19
C TYR A 348 30.82 -5.72 10.47
N LEU A 349 30.23 -6.12 11.59
CA LEU A 349 30.30 -5.39 12.85
C LEU A 349 31.39 -5.99 13.73
N THR A 350 32.13 -5.12 14.42
CA THR A 350 33.10 -5.59 15.44
C THR A 350 32.30 -6.02 16.70
N ASN A 351 31.36 -5.16 17.08
CA ASN A 351 30.51 -5.22 18.28
C ASN A 351 29.25 -6.12 18.25
N VAL A 352 29.24 -7.23 17.52
CA VAL A 352 27.96 -7.95 17.23
C VAL A 352 27.12 -8.39 18.45
N ASP A 353 27.75 -8.65 19.59
CA ASP A 353 27.04 -8.97 20.85
C ASP A 353 26.41 -7.77 21.59
N ASP A 354 26.65 -6.54 21.14
CA ASP A 354 25.99 -5.38 21.73
C ASP A 354 24.66 -5.04 21.01
N ILE A 355 24.20 -5.88 20.07
CA ILE A 355 22.91 -5.63 19.37
C ILE A 355 21.94 -6.79 19.48
N THR A 356 20.66 -6.47 19.35
CA THR A 356 19.56 -7.42 19.20
C THR A 356 19.11 -7.24 17.74
N LEU A 357 19.01 -8.34 16.98
CA LEU A 357 18.47 -8.34 15.61
C LEU A 357 17.18 -9.15 15.54
N VAL A 358 16.12 -8.54 14.98
CA VAL A 358 15.00 -9.29 14.41
C VAL A 358 15.41 -9.69 12.97
N PRO A 359 15.60 -11.00 12.71
CA PRO A 359 16.20 -11.50 11.50
C PRO A 359 15.26 -12.04 10.39
N GLY A 360 15.88 -12.45 9.28
CA GLY A 360 15.18 -13.18 8.19
C GLY A 360 15.07 -12.34 6.95
N THR A 361 13.84 -12.14 6.45
CA THR A 361 13.61 -11.42 5.17
C THR A 361 13.52 -9.90 5.33
N LEU A 362 13.73 -9.42 6.56
CA LEU A 362 13.95 -8.00 6.89
C LEU A 362 14.85 -8.05 8.10
N GLY A 363 15.51 -6.94 8.40
CA GLY A 363 16.23 -6.81 9.65
C GLY A 363 15.76 -5.62 10.45
N ARG A 364 15.69 -5.77 11.78
CA ARG A 364 15.41 -4.63 12.65
C ARG A 364 16.39 -4.69 13.82
N ILE A 365 17.11 -3.59 14.04
CA ILE A 365 18.25 -3.57 15.01
C ILE A 365 18.01 -2.58 16.16
N ARG A 366 18.27 -3.01 17.40
CA ARG A 366 18.30 -2.13 18.54
C ARG A 366 19.40 -2.56 19.52
N ALA A 367 19.68 -1.73 20.51
CA ALA A 367 20.75 -2.03 21.49
C ALA A 367 20.32 -3.25 22.30
N LYS A 368 21.26 -4.13 22.60
CA LYS A 368 21.00 -5.23 23.51
C LYS A 368 20.72 -4.73 24.94
N SER A 369 21.40 -3.67 25.37
CA SER A 369 21.16 -3.08 26.69
C SER A 369 20.99 -1.55 26.61
N ILE A 370 19.89 -1.05 27.19
CA ILE A 370 19.68 0.39 27.35
C ILE A 370 20.68 1.07 28.33
N ASN A 371 21.37 0.28 29.15
CA ASN A 371 22.45 0.79 30.02
C ASN A 371 23.80 1.01 29.32
N ASN A 372 23.96 0.54 28.09
CA ASN A 372 25.22 0.73 27.33
C ASN A 372 25.26 2.10 26.60
N SER A 373 25.94 3.07 27.22
CA SER A 373 26.10 4.43 26.64
C SER A 373 27.07 4.52 25.43
N LYS A 374 27.83 3.45 25.18
CA LYS A 374 28.72 3.32 23.99
C LYS A 374 28.02 2.73 22.75
N TYR A 375 26.70 2.53 22.81
CA TYR A 375 25.89 2.23 21.63
C TYR A 375 25.77 3.48 20.76
N ASP A 376 26.05 3.34 19.46
CA ASP A 376 25.92 4.45 18.49
C ASP A 376 25.32 3.95 17.17
N PRO A 377 24.09 4.40 16.81
CA PRO A 377 23.50 4.00 15.52
C PRO A 377 24.23 4.49 14.28
N LYS A 378 24.86 5.67 14.38
CA LYS A 378 25.60 6.18 13.25
C LYS A 378 26.74 5.21 12.86
N THR A 379 27.45 4.69 13.84
CA THR A 379 28.60 3.81 13.52
C THR A 379 28.13 2.42 13.07
N ILE A 380 26.98 1.94 13.55
CA ILE A 380 26.45 0.67 13.05
C ILE A 380 26.03 0.82 11.58
N ILE A 381 25.28 1.89 11.29
CA ILE A 381 24.87 2.15 9.90
C ILE A 381 26.09 2.22 8.99
N ALA A 382 27.11 2.99 9.37
CA ALA A 382 28.29 3.15 8.53
C ALA A 382 29.04 1.80 8.26
N ALA A 383 29.13 0.94 9.27
CA ALA A 383 29.74 -0.40 9.09
C ALA A 383 28.93 -1.36 8.19
N LEU A 384 27.63 -1.07 8.00
CA LEU A 384 26.76 -1.87 7.12
C LEU A 384 26.55 -1.30 5.72
N THR A 385 27.13 -0.15 5.40
CA THR A 385 26.89 0.53 4.12
C THR A 385 27.93 0.25 3.08
N CYS A 386 27.47 -0.36 1.97
CA CYS A 386 28.25 -0.63 0.77
C CYS A 386 29.65 -1.23 1.05
N LYS A 387 29.69 -2.28 1.86
CA LYS A 387 30.94 -2.87 2.32
C LYS A 387 31.44 -4.04 1.53
N LYS A 388 30.55 -4.73 0.84
CA LYS A 388 30.92 -5.89 0.03
C LYS A 388 30.29 -5.65 -1.33
N PRO A 389 30.96 -6.08 -2.41
CA PRO A 389 30.53 -5.70 -3.75
C PRO A 389 29.13 -6.19 -4.15
N ASP A 390 28.73 -7.40 -3.76
CA ASP A 390 27.38 -7.91 -4.13
C ASP A 390 26.38 -7.86 -2.96
N GLN A 391 26.65 -7.03 -1.96
CA GLN A 391 25.97 -7.03 -0.67
C GLN A 391 24.43 -7.21 -0.84
N HIS A 392 23.79 -8.13 -0.13
CA HIS A 392 22.37 -8.46 -0.40
C HIS A 392 21.34 -7.86 0.59
N PHE A 393 21.74 -6.82 1.30
CA PHE A 393 20.83 -6.01 2.13
C PHE A 393 21.32 -4.56 2.13
N LYS A 394 20.41 -3.62 2.45
CA LYS A 394 20.79 -2.20 2.54
C LYS A 394 20.26 -1.63 3.83
N PRO A 395 21.15 -1.02 4.66
CA PRO A 395 20.69 -0.40 5.88
C PRO A 395 20.03 0.96 5.68
N TYR A 396 19.08 1.27 6.56
CA TYR A 396 18.37 2.57 6.57
C TYR A 396 18.04 2.99 7.97
N MET A 397 18.15 4.30 8.29
CA MET A 397 17.39 4.80 9.42
C MET A 397 15.90 4.74 8.92
N LYS A 398 14.96 4.37 9.80
CA LYS A 398 13.58 4.13 9.32
C LYS A 398 12.94 5.34 8.59
N GLN A 399 13.26 6.56 9.03
CA GLN A 399 12.75 7.76 8.34
C GLN A 399 13.24 7.92 6.86
N HIS A 400 14.31 7.23 6.49
CA HIS A 400 14.86 7.23 5.15
C HIS A 400 14.33 6.12 4.25
N LEU A 401 13.51 5.20 4.79
CA LEU A 401 12.92 4.18 3.96
C LEU A 401 12.00 4.85 2.92
N PRO A 402 11.87 4.26 1.71
CA PRO A 402 10.88 4.74 0.73
C PRO A 402 9.55 5.03 1.39
N LYS A 403 9.02 6.21 1.10
CA LYS A 403 7.76 6.65 1.71
C LYS A 403 6.58 5.74 1.37
N ARG A 404 6.64 5.07 0.21
CA ARG A 404 5.57 4.15 -0.19
C ARG A 404 5.37 2.98 0.75
N LEU A 405 6.39 2.64 1.54
CA LEU A 405 6.26 1.57 2.54
C LEU A 405 5.48 1.96 3.78
N HIS A 406 5.35 3.26 4.08
CA HIS A 406 4.67 3.76 5.26
C HIS A 406 5.07 3.00 6.54
N TYR A 407 6.38 2.86 6.75
CA TYR A 407 6.94 1.99 7.77
C TYR A 407 7.88 2.70 8.71
N ALA A 408 7.34 3.60 9.53
CA ALA A 408 8.16 4.34 10.48
C ALA A 408 7.49 4.86 11.72
N ASN A 409 6.25 5.34 11.62
CA ASN A 409 5.57 6.03 12.73
C ASN A 409 4.97 5.07 13.79
N ASN A 410 5.81 4.31 14.45
CA ASN A 410 5.36 3.42 15.54
C ASN A 410 6.61 3.13 16.40
N ARG A 411 6.49 3.28 17.71
CA ARG A 411 7.57 2.97 18.66
C ARG A 411 8.01 1.52 18.63
N ARG A 412 7.17 0.62 18.07
CA ARG A 412 7.55 -0.79 17.87
C ARG A 412 8.48 -1.05 16.67
N ILE A 413 8.68 -0.06 15.79
CA ILE A 413 9.59 -0.18 14.65
C ILE A 413 10.94 0.42 15.07
N GLU A 414 11.97 -0.43 15.06
CA GLU A 414 13.32 -0.03 15.51
C GLU A 414 13.88 1.03 14.55
N ASP A 415 14.68 1.94 15.10
CA ASP A 415 15.30 3.01 14.27
C ASP A 415 16.10 2.52 13.07
N ILE A 416 16.85 1.43 13.28
CA ILE A 416 17.69 0.84 12.23
C ILE A 416 16.92 -0.30 11.59
N HIS A 417 16.81 -0.21 10.26
CA HIS A 417 16.16 -1.20 9.40
C HIS A 417 17.05 -1.74 8.28
N LEU A 418 16.97 -3.04 8.02
CA LEU A 418 17.64 -3.63 6.84
C LEU A 418 16.64 -4.09 5.79
N LEU A 419 16.70 -3.51 4.60
CA LEU A 419 15.93 -3.99 3.44
C LEU A 419 16.72 -5.08 2.75
N VAL A 420 16.20 -6.30 2.81
CA VAL A 420 16.85 -7.50 2.30
C VAL A 420 16.48 -7.78 0.86
N ASP A 421 17.48 -8.07 0.03
CA ASP A 421 17.20 -8.49 -1.36
C ASP A 421 16.32 -9.74 -1.44
N ARG A 422 15.44 -9.78 -2.45
CA ARG A 422 14.62 -10.96 -2.69
C ARG A 422 15.55 -12.19 -2.82
N ARG A 423 15.09 -13.32 -2.28
CA ARG A 423 15.84 -14.60 -2.30
CA ARG A 423 15.82 -14.62 -2.27
C ARG A 423 16.87 -14.77 -1.17
N TRP A 424 17.03 -13.74 -0.34
CA TRP A 424 18.03 -13.73 0.76
C TRP A 424 17.45 -13.61 2.13
N HIS A 425 18.28 -13.97 3.11
CA HIS A 425 18.08 -13.72 4.52
C HIS A 425 19.26 -12.92 5.09
N VAL A 426 19.00 -12.24 6.20
CA VAL A 426 20.04 -11.70 7.08
C VAL A 426 19.94 -12.38 8.46
N ALA A 427 21.12 -12.68 9.07
CA ALA A 427 21.18 -13.22 10.44
C ALA A 427 22.35 -12.58 11.20
N ARG A 428 22.36 -12.74 12.51
CA ARG A 428 23.38 -12.09 13.35
C ARG A 428 24.76 -12.81 13.21
N LYS A 429 24.74 -14.14 13.39
CA LYS A 429 25.93 -15.01 13.36
CA LYS A 429 25.94 -14.99 13.29
C LYS A 429 25.59 -16.38 12.76
N PRO A 430 26.57 -17.07 12.12
CA PRO A 430 26.28 -18.42 11.53
C PRO A 430 25.60 -19.42 12.46
N LEU A 431 25.95 -19.40 13.75
CA LEU A 431 25.34 -20.34 14.70
C LEU A 431 23.82 -20.20 14.85
N ASP A 432 23.26 -19.02 14.56
CA ASP A 432 21.78 -18.81 14.54
C ASP A 432 21.03 -19.59 13.43
N VAL A 433 21.74 -19.95 12.38
CA VAL A 433 21.18 -20.62 11.23
C VAL A 433 21.29 -22.16 11.29
N TYR A 434 22.28 -22.74 11.98
CA TYR A 434 22.34 -24.22 12.12
C TYR A 434 21.98 -24.78 13.53
N LYS A 435 21.88 -23.91 14.53
CA LYS A 435 21.41 -24.28 15.89
C LYS A 435 20.08 -23.56 16.23
N LYS A 436 19.03 -23.82 15.42
CA LYS A 436 17.67 -23.22 15.61
C LYS A 436 16.59 -24.27 15.89
N CYS A 441 20.21 -27.69 5.47
CA CYS A 441 19.09 -26.75 5.46
C CYS A 441 17.70 -27.39 5.33
N PHE A 442 16.75 -26.83 6.08
CA PHE A 442 15.37 -27.33 6.12
C PHE A 442 14.59 -26.71 4.93
N PHE A 443 14.49 -25.39 4.97
CA PHE A 443 13.48 -24.61 4.24
C PHE A 443 13.90 -24.19 2.83
N GLN A 444 12.93 -24.07 1.93
CA GLN A 444 13.16 -23.64 0.56
C GLN A 444 12.34 -22.39 0.12
N GLY A 445 11.44 -21.91 0.99
CA GLY A 445 10.60 -20.73 0.69
C GLY A 445 10.55 -19.78 1.86
N ASP A 446 10.38 -18.48 1.59
CA ASP A 446 10.02 -17.51 2.63
C ASP A 446 9.42 -16.24 1.99
N HIS A 447 8.94 -15.33 2.83
CA HIS A 447 8.29 -14.09 2.37
C HIS A 447 8.56 -13.04 3.46
N GLY A 448 8.21 -11.77 3.19
CA GLY A 448 8.50 -10.63 4.04
C GLY A 448 9.16 -9.43 3.40
N PHE A 449 9.68 -9.64 2.20
CA PHE A 449 10.41 -8.62 1.41
C PHE A 449 9.50 -7.42 1.03
N ASP A 450 10.14 -6.38 0.54
CA ASP A 450 9.53 -5.20 -0.13
C ASP A 450 8.25 -5.58 -0.89
N ASN A 451 7.15 -4.84 -0.61
CA ASN A 451 5.83 -5.25 -1.14
C ASN A 451 5.63 -4.98 -2.61
N LYS A 452 6.61 -4.38 -3.29
CA LYS A 452 6.58 -4.28 -4.74
CA LYS A 452 6.52 -4.29 -4.76
C LYS A 452 7.19 -5.48 -5.49
N VAL A 453 7.88 -6.34 -4.77
CA VAL A 453 8.49 -7.56 -5.38
C VAL A 453 7.44 -8.51 -5.96
N ASN A 454 7.61 -8.97 -7.22
CA ASN A 454 6.59 -9.80 -7.91
C ASN A 454 6.23 -11.06 -7.13
N SER A 455 7.23 -11.74 -6.57
CA SER A 455 6.96 -12.97 -5.81
C SER A 455 6.10 -12.78 -4.55
N MET A 456 6.03 -11.56 -3.99
CA MET A 456 5.22 -11.30 -2.81
C MET A 456 3.75 -10.95 -3.13
N GLN A 457 3.42 -10.71 -4.40
CA GLN A 457 2.04 -10.36 -4.76
C GLN A 457 1.10 -11.53 -4.50
N THR A 458 -0.13 -11.19 -4.18
CA THR A 458 -1.12 -12.21 -3.83
C THR A 458 -2.40 -12.02 -4.67
N VAL A 459 -3.49 -12.66 -4.22
CA VAL A 459 -4.70 -12.83 -5.07
CA VAL A 459 -4.71 -12.88 -5.05
C VAL A 459 -5.92 -12.07 -4.55
N PHE A 460 -6.79 -11.69 -5.50
CA PHE A 460 -8.17 -11.18 -5.21
C PHE A 460 -9.18 -11.65 -6.30
N VAL A 461 -10.26 -12.29 -5.82
CA VAL A 461 -11.43 -12.57 -6.63
C VAL A 461 -12.65 -12.23 -5.79
N GLY A 462 -13.62 -11.54 -6.40
CA GLY A 462 -14.94 -11.34 -5.81
C GLY A 462 -16.06 -11.95 -6.68
N TYR A 463 -16.93 -12.72 -6.06
CA TYR A 463 -18.02 -13.38 -6.78
C TYR A 463 -19.32 -13.20 -6.03
N GLY A 464 -20.35 -12.74 -6.75
CA GLY A 464 -21.68 -12.66 -6.14
C GLY A 464 -22.55 -11.58 -6.75
N PRO A 465 -23.78 -11.37 -6.20
CA PRO A 465 -24.72 -10.35 -6.76
C PRO A 465 -24.17 -8.92 -6.77
N THR A 466 -23.33 -8.57 -5.80
CA THR A 466 -22.85 -7.19 -5.65
C THR A 466 -21.59 -6.93 -6.46
N PHE A 467 -20.82 -7.98 -6.82
CA PHE A 467 -19.67 -7.84 -7.71
C PHE A 467 -20.10 -7.87 -9.18
N LYS A 468 -19.25 -7.34 -10.05
CA LYS A 468 -19.46 -7.42 -11.50
CA LYS A 468 -19.46 -7.41 -11.50
C LYS A 468 -19.29 -8.83 -12.05
N TYR A 469 -19.86 -9.03 -13.23
CA TYR A 469 -19.82 -10.30 -13.98
C TYR A 469 -18.69 -10.34 -15.02
N ARG A 470 -17.85 -11.39 -15.01
CA ARG A 470 -16.71 -11.60 -15.98
C ARG A 470 -15.87 -10.37 -16.19
N THR A 471 -15.45 -9.72 -15.09
CA THR A 471 -14.78 -8.43 -15.17
C THR A 471 -13.35 -8.58 -14.63
N LYS A 472 -12.39 -8.04 -15.37
CA LYS A 472 -11.02 -7.92 -14.91
C LYS A 472 -10.78 -6.48 -14.49
N VAL A 473 -10.15 -6.28 -13.33
CA VAL A 473 -9.82 -4.96 -12.81
C VAL A 473 -8.30 -4.85 -12.65
N PRO A 474 -7.76 -3.63 -12.69
CA PRO A 474 -6.30 -3.47 -12.54
C PRO A 474 -5.84 -3.86 -11.12
N PRO A 475 -4.55 -4.20 -10.95
CA PRO A 475 -4.02 -4.45 -9.62
C PRO A 475 -4.30 -3.30 -8.63
N PHE A 476 -4.54 -3.64 -7.38
CA PHE A 476 -4.77 -2.65 -6.33
C PHE A 476 -4.18 -3.16 -5.01
N GLU A 477 -4.15 -2.27 -4.02
CA GLU A 477 -3.53 -2.51 -2.72
C GLU A 477 -4.53 -3.05 -1.69
N ASN A 478 -4.08 -3.97 -0.85
CA ASN A 478 -4.97 -4.57 0.11
C ASN A 478 -5.59 -3.60 1.15
N ILE A 479 -4.94 -2.46 1.40
CA ILE A 479 -5.51 -1.41 2.30
C ILE A 479 -6.88 -0.90 1.83
N GLU A 480 -7.23 -1.12 0.55
CA GLU A 480 -8.50 -0.60 -0.04
C GLU A 480 -9.71 -1.48 0.25
N LEU A 481 -9.49 -2.75 0.64
CA LEU A 481 -10.58 -3.69 0.75
C LEU A 481 -11.50 -3.52 1.92
N TYR A 482 -11.03 -3.03 3.08
CA TYR A 482 -11.93 -2.83 4.22
C TYR A 482 -13.16 -1.95 3.83
N ASN A 483 -12.90 -0.88 3.08
CA ASN A 483 -13.98 0.07 2.64
C ASN A 483 -15.01 -0.69 1.81
N VAL A 484 -14.54 -1.55 0.92
CA VAL A 484 -15.44 -2.31 0.02
C VAL A 484 -16.22 -3.34 0.81
N MET A 485 -15.55 -4.01 1.78
CA MET A 485 -16.28 -4.95 2.61
C MET A 485 -17.38 -4.25 3.45
N CYS A 486 -17.10 -3.04 3.89
CA CYS A 486 -18.09 -2.20 4.56
C CYS A 486 -19.25 -1.82 3.61
N ASP A 487 -18.93 -1.44 2.38
CA ASP A 487 -19.95 -1.18 1.35
C ASP A 487 -20.87 -2.41 1.11
N LEU A 488 -20.27 -3.59 1.01
CA LEU A 488 -21.00 -4.85 0.83
C LEU A 488 -21.97 -5.19 1.93
N LEU A 489 -21.75 -4.65 3.14
CA LEU A 489 -22.59 -4.94 4.29
C LEU A 489 -23.43 -3.74 4.76
N GLY A 490 -23.40 -2.64 3.99
CA GLY A 490 -24.02 -1.37 4.39
C GLY A 490 -23.50 -0.69 5.62
N LEU A 491 -22.20 -0.82 5.93
CA LEU A 491 -21.56 -0.23 7.08
C LEU A 491 -20.79 1.05 6.76
N LYS A 492 -20.72 1.96 7.71
CA LYS A 492 -19.88 3.12 7.59
C LYS A 492 -18.46 2.70 8.08
N PRO A 493 -17.44 2.83 7.21
CA PRO A 493 -16.09 2.37 7.65
C PRO A 493 -15.53 3.28 8.75
N ALA A 494 -14.79 2.72 9.72
CA ALA A 494 -13.99 3.51 10.61
C ALA A 494 -12.87 4.23 9.83
N PRO A 495 -12.31 5.31 10.38
CA PRO A 495 -11.25 6.06 9.65
C PRO A 495 -10.08 5.16 9.25
N ASN A 496 -9.71 5.14 7.95
CA ASN A 496 -8.67 4.19 7.51
C ASN A 496 -7.83 4.75 6.37
N ASN A 497 -6.90 3.94 5.84
CA ASN A 497 -5.91 4.45 4.85
C ASN A 497 -6.32 4.16 3.40
N GLY A 498 -7.38 3.41 3.20
CA GLY A 498 -7.98 3.32 1.88
C GLY A 498 -8.47 4.71 1.39
N THR A 499 -8.80 4.76 0.12
CA THR A 499 -9.35 5.94 -0.55
C THR A 499 -10.74 5.50 -1.06
N HIS A 500 -11.77 5.89 -0.31
CA HIS A 500 -13.11 5.31 -0.46
C HIS A 500 -13.70 5.84 -1.76
N GLY A 501 -14.04 4.91 -2.64
CA GLY A 501 -14.45 5.20 -4.01
C GLY A 501 -13.47 4.75 -5.07
N SER A 502 -12.20 4.52 -4.71
CA SER A 502 -11.19 4.04 -5.67
C SER A 502 -11.43 2.66 -6.22
N LEU A 503 -12.22 1.82 -5.51
CA LEU A 503 -12.60 0.47 -5.98
C LEU A 503 -14.06 0.35 -6.41
N ASN A 504 -14.71 1.49 -6.70
CA ASN A 504 -16.11 1.40 -7.16
C ASN A 504 -16.32 0.58 -8.42
N HIS A 505 -15.31 0.59 -9.29
CA HIS A 505 -15.33 -0.22 -10.52
C HIS A 505 -15.34 -1.75 -10.33
N LEU A 506 -15.21 -2.26 -9.10
CA LEU A 506 -15.38 -3.68 -8.82
C LEU A 506 -16.86 -4.08 -8.61
N LEU A 507 -17.74 -3.10 -8.37
CA LEU A 507 -19.08 -3.32 -7.86
C LEU A 507 -20.15 -3.02 -8.88
N ARG A 508 -21.19 -3.90 -8.88
CA ARG A 508 -22.39 -3.69 -9.68
C ARG A 508 -23.27 -2.62 -9.04
N THR A 509 -23.45 -2.68 -7.72
CA THR A 509 -24.29 -1.76 -6.91
C THR A 509 -23.56 -1.46 -5.58
N ASN A 510 -24.19 -0.70 -4.68
CA ASN A 510 -23.62 -0.31 -3.36
C ASN A 510 -22.37 0.57 -3.51
N THR A 511 -22.24 1.29 -4.65
CA THR A 511 -21.05 2.12 -4.84
C THR A 511 -21.07 3.29 -3.82
N PHE A 512 -19.91 3.85 -3.54
CA PHE A 512 -19.85 4.93 -2.54
C PHE A 512 -19.56 6.13 -3.34
N ARG A 513 -20.41 7.16 -3.22
CA ARG A 513 -20.22 8.29 -4.14
C ARG A 513 -19.62 9.51 -3.44
N PRO A 514 -18.27 9.58 -3.33
CA PRO A 514 -17.71 10.73 -2.58
C PRO A 514 -17.79 12.06 -3.35
N THR A 515 -17.73 13.17 -2.60
CA THR A 515 -17.59 14.51 -3.15
C THR A 515 -16.10 14.94 -2.98
N MET A 516 -15.62 15.79 -3.88
CA MET A 516 -14.28 16.36 -3.79
C MET A 516 -14.17 17.20 -2.53
N PRO A 517 -13.04 17.15 -1.82
CA PRO A 517 -12.92 18.04 -0.64
C PRO A 517 -12.97 19.55 -1.01
N ASP A 518 -13.55 20.35 -0.13
CA ASP A 518 -13.64 21.80 -0.36
C ASP A 518 -12.25 22.44 -0.17
N GLU A 519 -11.90 23.40 -1.02
CA GLU A 519 -10.65 24.17 -0.86
C GLU A 519 -10.75 25.01 0.41
N VAL A 520 -9.71 25.01 1.23
CA VAL A 520 -9.71 25.81 2.45
C VAL A 520 -9.11 27.21 2.25
N SER A 521 -8.01 27.32 1.53
CA SER A 521 -7.36 28.61 1.31
C SER A 521 -7.43 29.02 -0.16
N ARG A 522 -7.96 30.20 -0.41
CA ARG A 522 -7.93 30.73 -1.78
C ARG A 522 -6.64 31.52 -2.00
N PRO A 523 -6.14 31.48 -3.23
CA PRO A 523 -4.89 32.19 -3.52
C PRO A 523 -5.08 33.68 -3.70
N ASN A 524 -4.00 34.43 -3.59
CA ASN A 524 -3.91 35.81 -4.10
C ASN A 524 -3.29 35.76 -5.49
N TYR A 525 -3.62 36.75 -6.32
CA TYR A 525 -3.11 36.90 -7.66
C TYR A 525 -2.33 38.23 -7.76
N PRO A 526 -1.08 38.27 -7.24
CA PRO A 526 -0.33 39.55 -7.22
C PRO A 526 0.10 40.05 -8.58
N GLY A 527 0.00 41.37 -8.78
CA GLY A 527 0.59 42.04 -9.94
C GLY A 527 1.95 42.64 -9.52
N ILE A 528 2.47 43.53 -10.37
CA ILE A 528 3.75 44.16 -10.13
C ILE A 528 3.62 45.25 -9.05
N MET A 529 4.29 45.04 -7.92
CA MET A 529 4.06 45.86 -6.72
CA MET A 529 4.06 45.87 -6.72
C MET A 529 5.33 46.41 -6.07
N TYR A 530 6.50 45.96 -6.53
CA TYR A 530 7.81 46.33 -5.92
C TYR A 530 8.79 46.79 -6.99
N LEU A 531 9.61 47.78 -6.66
CA LEU A 531 10.71 48.19 -7.52
C LEU A 531 11.95 47.34 -7.15
N GLN A 532 12.84 47.19 -8.13
CA GLN A 532 14.05 46.35 -8.02
C GLN A 532 14.92 46.77 -6.83
N SER A 533 15.08 48.09 -6.61
CA SER A 533 15.88 48.61 -5.51
C SER A 533 15.33 48.38 -4.11
N GLU A 534 14.08 47.95 -3.97
CA GLU A 534 13.55 47.58 -2.65
C GLU A 534 14.16 46.28 -2.12
N PHE A 535 14.75 45.47 -2.99
CA PHE A 535 15.29 44.17 -2.59
C PHE A 535 16.75 44.30 -2.22
N ASP A 536 17.13 43.70 -1.10
CA ASP A 536 18.50 43.58 -0.64
C ASP A 536 18.76 42.10 -0.25
N LEU A 537 18.73 41.26 -1.27
CA LEU A 537 18.84 39.82 -1.09
C LEU A 537 20.26 39.30 -1.34
N GLY A 538 21.20 40.13 -1.81
CA GLY A 538 22.55 39.65 -2.10
C GLY A 538 22.65 38.81 -3.37
N CYS A 539 21.65 38.92 -4.22
CA CYS A 539 21.61 38.17 -5.48
C CYS A 539 22.11 39.05 -6.59
N THR A 540 22.63 38.44 -7.64
CA THR A 540 23.00 39.16 -8.88
C THR A 540 22.56 38.35 -10.09
N CYS A 541 22.33 39.06 -11.18
CA CYS A 541 22.09 38.44 -12.45
C CYS A 541 22.50 39.38 -13.57
N ASP A 542 23.18 38.83 -14.58
CA ASP A 542 23.54 39.55 -15.82
C ASP A 542 22.32 39.61 -16.80
N ASP A 543 21.31 40.40 -16.44
CA ASP A 543 20.06 40.50 -17.24
C ASP A 543 19.68 41.90 -17.76
N LYS A 544 20.53 42.91 -17.56
CA LYS A 544 20.22 44.31 -17.96
C LYS A 544 20.29 44.51 -19.50
N VAL A 545 19.40 43.84 -20.24
CA VAL A 545 19.45 43.80 -21.73
C VAL A 545 18.03 43.98 -22.33
N GLU A 546 17.80 45.09 -23.04
CA GLU A 546 16.43 45.48 -23.53
C GLU A 546 15.87 44.60 -24.66
N ASN A 549 10.25 47.04 -27.11
CA ASN A 549 9.50 46.58 -28.27
C ASN A 549 7.99 46.41 -27.95
N LYS A 550 7.13 47.23 -28.55
CA LYS A 550 5.65 47.17 -28.27
C LYS A 550 4.93 45.87 -28.69
N LEU A 551 5.44 45.20 -29.74
CA LEU A 551 4.91 43.87 -30.18
C LEU A 551 5.11 42.86 -29.02
N GLU A 552 6.37 42.63 -28.66
CA GLU A 552 6.77 41.67 -27.63
C GLU A 552 6.45 42.09 -26.15
N GLU A 553 6.24 43.38 -25.88
CA GLU A 553 5.89 43.85 -24.52
C GLU A 553 4.47 43.51 -24.12
N LEU A 554 3.47 43.76 -24.98
CA LEU A 554 2.08 43.35 -24.62
C LEU A 554 2.03 41.83 -24.41
N ASN A 555 2.73 41.10 -25.26
CA ASN A 555 2.89 39.62 -25.20
C ASN A 555 3.37 39.07 -23.84
N LYS A 556 4.50 39.57 -23.35
CA LYS A 556 5.03 39.16 -22.04
C LYS A 556 4.09 39.53 -20.89
N ARG A 557 3.41 40.69 -20.99
CA ARG A 557 2.37 41.06 -20.02
C ARG A 557 1.24 40.01 -19.99
N LEU A 558 0.81 39.55 -21.15
CA LEU A 558 -0.27 38.53 -21.21
C LEU A 558 0.15 37.22 -20.52
N HIS A 559 1.43 36.81 -20.69
CA HIS A 559 2.01 35.61 -20.08
C HIS A 559 2.02 35.71 -18.55
N THR A 560 2.31 36.91 -18.02
CA THR A 560 2.30 37.15 -16.56
C THR A 560 0.88 37.21 -15.98
N LYS A 561 -0.12 37.39 -16.84
CA LYS A 561 -1.54 37.36 -16.40
C LYS A 561 -2.23 36.02 -16.67
N GLY A 562 -1.50 35.03 -17.21
CA GLY A 562 -2.01 33.66 -17.32
C GLY A 562 -2.48 33.23 -18.70
N SER A 563 -2.02 33.89 -19.78
CA SER A 563 -2.45 33.54 -21.15
C SER A 563 -2.00 32.15 -21.64
N THR A 564 -0.90 31.61 -21.10
CA THR A 564 -0.52 30.22 -21.46
C THR A 564 -0.94 29.19 -20.42
N LYS A 565 -1.73 29.61 -19.41
CA LYS A 565 -1.99 28.72 -18.24
C LYS A 565 -2.70 27.41 -18.64
N GLU A 566 -3.48 27.43 -19.73
CA GLU A 566 -4.22 26.21 -20.17
C GLU A 566 -3.25 25.16 -20.72
N ARG A 567 -2.10 25.58 -21.23
CA ARG A 567 -1.10 24.64 -21.67
C ARG A 567 -0.38 23.96 -20.46
N HIS A 568 -0.09 24.72 -19.41
CA HIS A 568 0.83 24.26 -18.36
C HIS A 568 0.11 23.74 -17.12
N LEU A 569 -1.13 24.15 -16.93
CA LEU A 569 -1.99 23.63 -15.89
C LEU A 569 -3.16 22.85 -16.50
N LEU A 570 -2.95 21.57 -16.78
CA LEU A 570 -3.90 20.77 -17.57
C LEU A 570 -5.10 20.23 -16.82
N TYR A 571 -5.01 20.09 -15.51
CA TYR A 571 -6.07 19.45 -14.72
C TYR A 571 -6.61 20.36 -13.61
N GLY A 572 -6.51 21.67 -13.84
CA GLY A 572 -6.86 22.70 -12.87
C GLY A 572 -5.78 22.93 -11.82
N ARG A 573 -5.91 23.99 -11.04
CA ARG A 573 -4.92 24.19 -10.01
C ARG A 573 -5.21 23.25 -8.86
N PRO A 574 -4.16 22.77 -8.21
CA PRO A 574 -4.37 21.94 -7.03
C PRO A 574 -5.08 22.76 -5.95
N ALA A 575 -5.93 22.12 -5.17
CA ALA A 575 -6.60 22.82 -4.07
C ALA A 575 -5.79 22.68 -2.76
N VAL A 576 -5.70 23.78 -1.99
CA VAL A 576 -5.01 23.82 -0.69
C VAL A 576 -6.01 23.50 0.41
N LEU A 577 -5.84 22.36 1.10
CA LEU A 577 -6.83 21.86 2.08
C LEU A 577 -6.52 22.23 3.53
N TYR A 578 -5.73 23.25 3.76
CA TYR A 578 -5.43 23.75 5.11
C TYR A 578 -5.34 25.29 5.03
N ARG A 579 -5.29 25.94 6.17
CA ARG A 579 -5.25 27.40 6.25
C ARG A 579 -3.82 27.95 6.05
N THR A 580 -3.63 28.76 5.05
CA THR A 580 -2.32 29.34 4.77
C THR A 580 -2.41 30.56 3.84
N SER A 581 -1.30 31.24 3.58
CA SER A 581 -1.24 32.40 2.72
CA SER A 581 -1.26 32.39 2.70
C SER A 581 -0.35 32.09 1.53
N TYR A 582 -0.91 32.12 0.32
CA TYR A 582 -0.13 31.81 -0.86
C TYR A 582 -0.58 32.61 -2.07
N ASP A 583 0.31 32.72 -3.04
CA ASP A 583 0.09 33.46 -4.30
C ASP A 583 0.17 32.57 -5.53
N ILE A 584 -0.71 32.75 -6.53
CA ILE A 584 -0.50 32.14 -7.86
C ILE A 584 0.36 33.06 -8.71
N LEU A 585 1.40 32.49 -9.33
CA LEU A 585 2.38 33.19 -10.18
C LEU A 585 2.37 32.53 -11.57
N TYR A 586 2.07 33.34 -12.61
CA TYR A 586 2.02 32.85 -13.96
C TYR A 586 3.30 33.21 -14.74
N HIS A 587 3.71 32.35 -15.66
CA HIS A 587 4.86 32.62 -16.52
C HIS A 587 4.63 31.91 -17.87
N THR A 588 5.40 32.30 -18.88
CA THR A 588 5.30 31.71 -20.23
C THR A 588 5.32 30.16 -20.19
N ASP A 589 6.27 29.60 -19.43
CA ASP A 589 6.55 28.16 -19.47
C ASP A 589 6.05 27.34 -18.24
N PHE A 590 5.59 28.01 -17.20
CA PHE A 590 5.17 27.35 -15.95
C PHE A 590 4.31 28.23 -15.05
N GLU A 591 3.51 27.61 -14.17
CA GLU A 591 2.63 28.29 -13.20
CA GLU A 591 2.67 28.31 -13.21
C GLU A 591 2.98 27.71 -11.82
N SER A 592 2.89 28.52 -10.78
CA SER A 592 3.20 28.05 -9.43
C SER A 592 2.26 28.60 -8.37
N GLY A 593 2.17 27.85 -7.26
CA GLY A 593 1.53 28.29 -6.03
C GLY A 593 2.58 28.54 -5.00
N TYR A 594 2.83 29.82 -4.70
CA TYR A 594 4.00 30.27 -3.91
C TYR A 594 3.61 30.57 -2.46
N SER A 595 4.18 29.85 -1.50
CA SER A 595 3.83 30.01 -0.10
C SER A 595 4.59 31.17 0.51
N GLU A 596 3.84 32.14 1.04
CA GLU A 596 4.45 33.23 1.81
C GLU A 596 5.00 32.78 3.18
N ILE A 597 4.55 31.64 3.68
CA ILE A 597 4.97 31.11 4.99
C ILE A 597 6.27 30.29 4.89
N PHE A 598 6.34 29.38 3.92
CA PHE A 598 7.52 28.55 3.70
C PHE A 598 8.56 29.17 2.74
N LEU A 599 8.24 30.32 2.12
CA LEU A 599 9.11 31.09 1.21
C LEU A 599 9.53 30.35 -0.08
N MET A 600 8.65 29.49 -0.59
CA MET A 600 8.91 28.72 -1.78
C MET A 600 7.60 28.16 -2.32
N PRO A 601 7.59 27.65 -3.57
CA PRO A 601 6.36 27.04 -4.07
C PRO A 601 5.93 25.79 -3.29
N LEU A 602 4.62 25.62 -3.14
CA LEU A 602 4.02 24.37 -2.67
C LEU A 602 3.96 23.40 -3.85
N TRP A 603 3.83 23.98 -5.05
CA TRP A 603 3.71 23.23 -6.30
C TRP A 603 4.11 24.13 -7.48
N THR A 604 4.63 23.47 -8.50
CA THR A 604 5.06 24.12 -9.75
C THR A 604 4.63 23.20 -10.91
N SER A 605 3.85 23.73 -11.87
CA SER A 605 3.21 22.91 -12.95
C SER A 605 3.70 23.36 -14.36
N TYR A 606 4.13 22.42 -15.18
CA TYR A 606 4.53 22.72 -16.54
C TYR A 606 4.35 21.54 -17.49
N THR A 607 4.16 21.84 -18.77
CA THR A 607 3.95 20.81 -19.80
C THR A 607 5.11 20.86 -20.81
N ILE A 608 5.65 19.68 -21.17
CA ILE A 608 6.78 19.46 -22.08
C ILE A 608 6.29 18.56 -23.22
N SER A 609 6.16 19.09 -24.44
CA SER A 609 5.69 18.27 -25.55
C SER A 609 6.81 17.34 -26.04
N LYS A 610 6.40 16.35 -26.84
CA LYS A 610 7.34 15.45 -27.52
C LYS A 610 8.41 16.21 -28.34
N GLN A 611 8.05 17.38 -28.86
CA GLN A 611 8.91 18.16 -29.77
C GLN A 611 9.83 19.14 -29.02
N ALA A 612 9.65 19.31 -27.71
CA ALA A 612 10.43 20.28 -26.94
C ALA A 612 11.91 20.02 -27.02
N GLU A 613 12.69 21.08 -26.96
CA GLU A 613 14.13 21.00 -27.09
C GLU A 613 14.76 21.32 -25.73
N VAL A 614 15.87 20.65 -25.43
CA VAL A 614 16.66 20.87 -24.25
C VAL A 614 17.80 21.84 -24.58
N SER A 615 18.06 22.81 -23.72
CA SER A 615 19.18 23.75 -23.93
C SER A 615 20.03 23.79 -22.65
N SER A 616 21.14 24.53 -22.68
CA SER A 616 22.03 24.65 -21.53
C SER A 616 21.66 25.87 -20.72
N ILE A 617 22.25 26.00 -19.55
CA ILE A 617 22.24 27.25 -18.83
C ILE A 617 23.41 28.08 -19.41
N PRO A 618 23.13 29.20 -20.08
CA PRO A 618 24.21 30.04 -20.63
C PRO A 618 25.25 30.48 -19.61
N GLU A 619 26.51 30.67 -20.08
CA GLU A 619 27.65 31.05 -19.22
C GLU A 619 27.39 32.27 -18.37
N HIS A 620 26.84 33.31 -18.99
CA HIS A 620 26.55 34.57 -18.32
C HIS A 620 25.43 34.48 -17.26
N LEU A 621 24.63 33.40 -17.27
CA LEU A 621 23.53 33.19 -16.30
C LEU A 621 23.80 32.08 -15.24
N THR A 622 25.03 31.59 -15.12
CA THR A 622 25.30 30.44 -14.23
C THR A 622 24.89 30.68 -12.78
N ASN A 623 25.20 31.84 -12.24
CA ASN A 623 24.80 32.15 -10.86
C ASN A 623 23.69 33.17 -10.76
N CYS A 624 22.89 33.31 -11.81
CA CYS A 624 21.86 34.34 -11.86
C CYS A 624 20.68 33.98 -10.93
N VAL A 625 20.29 34.90 -10.04
CA VAL A 625 19.03 34.85 -9.29
C VAL A 625 18.42 36.24 -9.32
N ARG A 626 17.13 36.32 -9.67
CA ARG A 626 16.43 37.59 -9.94
C ARG A 626 15.27 37.81 -8.95
N PRO A 627 15.24 38.98 -8.28
CA PRO A 627 14.02 39.39 -7.52
C PRO A 627 12.70 39.31 -8.34
N ASP A 628 11.63 38.86 -7.69
CA ASP A 628 10.31 38.79 -8.30
C ASP A 628 9.49 40.00 -7.82
N VAL A 629 9.21 40.90 -8.74
CA VAL A 629 8.57 42.19 -8.42
C VAL A 629 7.08 42.08 -8.05
N ARG A 630 6.52 40.86 -8.11
CA ARG A 630 5.20 40.57 -7.59
C ARG A 630 5.20 40.17 -6.11
N VAL A 631 6.35 39.92 -5.50
CA VAL A 631 6.41 39.29 -4.16
C VAL A 631 7.34 40.09 -3.25
N SER A 632 6.90 40.43 -2.04
CA SER A 632 7.68 41.40 -1.24
C SER A 632 9.05 40.83 -0.88
N PRO A 633 10.04 41.73 -0.64
CA PRO A 633 11.31 41.32 -0.04
C PRO A 633 11.13 40.47 1.20
N GLY A 634 10.22 40.85 2.09
CA GLY A 634 10.00 40.11 3.33
C GLY A 634 9.43 38.69 3.18
N PHE A 635 8.85 38.37 2.01
CA PHE A 635 8.33 37.05 1.74
C PHE A 635 9.17 36.35 0.65
N SER A 636 10.43 36.74 0.52
CA SER A 636 11.38 36.15 -0.46
C SER A 636 12.55 35.46 0.23
N GLN A 637 13.15 34.48 -0.46
CA GLN A 637 14.44 33.93 -0.07
C GLN A 637 15.55 34.99 -0.35
N ASN A 638 16.74 34.72 0.16
CA ASN A 638 17.90 35.59 -0.15
C ASN A 638 19.15 34.75 -0.43
N CYS A 639 19.99 35.27 -1.32
CA CYS A 639 21.19 34.59 -1.79
C CYS A 639 22.30 34.55 -0.75
N LEU A 640 22.35 35.54 0.11
CA LEU A 640 23.38 35.60 1.13
C LEU A 640 23.33 34.42 2.09
N ALA A 641 22.14 34.00 2.48
CA ALA A 641 22.00 32.81 3.33
C ALA A 641 22.65 31.58 2.70
N TYR A 642 22.41 31.35 1.40
CA TYR A 642 23.05 30.23 0.73
C TYR A 642 24.56 30.37 0.70
N LYS A 643 25.06 31.60 0.50
CA LYS A 643 26.52 31.83 0.49
C LYS A 643 27.14 31.46 1.82
N ASN A 644 26.53 31.90 2.90
CA ASN A 644 27.05 31.61 4.24
C ASN A 644 26.84 30.19 4.73
N ASP A 645 25.80 29.50 4.24
CA ASP A 645 25.56 28.11 4.62
C ASP A 645 26.48 27.23 3.77
N LYS A 646 27.52 26.70 4.39
CA LYS A 646 28.53 25.94 3.67
C LYS A 646 28.10 24.54 3.25
N GLN A 647 27.04 24.01 3.87
CA GLN A 647 26.46 22.70 3.52
C GLN A 647 25.36 22.78 2.44
N MET A 648 24.64 23.92 2.38
CA MET A 648 23.41 24.02 1.54
C MET A 648 23.62 24.85 0.30
N SER A 649 23.17 24.37 -0.85
CA SER A 649 23.11 25.10 -2.11
C SER A 649 21.63 25.22 -2.52
N TYR A 650 21.35 25.49 -3.78
CA TYR A 650 19.98 25.67 -4.28
C TYR A 650 19.79 25.10 -5.65
N GLY A 651 18.51 24.83 -5.95
CA GLY A 651 18.08 24.41 -7.27
C GLY A 651 16.80 25.09 -7.65
N PHE A 652 16.21 24.70 -8.77
CA PHE A 652 15.01 25.34 -9.28
C PHE A 652 13.93 24.29 -9.56
N LEU A 653 12.68 24.65 -9.30
CA LEU A 653 11.58 23.71 -9.53
C LEU A 653 11.21 23.55 -11.01
N PHE A 654 10.98 24.66 -11.70
CA PHE A 654 10.89 24.61 -13.21
C PHE A 654 12.32 24.69 -13.75
N PRO A 655 12.75 23.70 -14.55
CA PRO A 655 14.15 23.59 -14.96
C PRO A 655 14.54 24.62 -16.07
N PRO A 656 15.56 25.42 -15.85
CA PRO A 656 16.02 26.32 -16.92
C PRO A 656 16.36 25.62 -18.25
N TYR A 657 16.77 24.34 -18.19
CA TYR A 657 17.06 23.53 -19.38
C TYR A 657 15.92 23.40 -20.33
N LEU A 658 14.67 23.53 -19.86
CA LEU A 658 13.53 23.27 -20.75
C LEU A 658 12.75 24.56 -21.14
N SER A 659 13.40 25.71 -20.94
CA SER A 659 12.85 27.02 -21.39
C SER A 659 12.44 26.96 -22.88
N SER A 660 11.36 27.65 -23.22
CA SER A 660 10.83 27.63 -24.57
C SER A 660 11.63 28.58 -25.50
N SER A 661 12.37 29.51 -24.91
CA SER A 661 13.18 30.49 -25.68
C SER A 661 14.18 31.18 -24.78
N PRO A 662 15.23 31.79 -25.38
CA PRO A 662 16.20 32.51 -24.57
C PRO A 662 15.62 33.57 -23.66
N GLU A 663 14.65 34.34 -24.15
CA GLU A 663 13.97 35.32 -23.32
C GLU A 663 13.15 34.67 -22.18
N ALA A 664 12.41 33.60 -22.46
CA ALA A 664 11.62 32.98 -21.38
C ALA A 664 12.52 32.38 -20.27
N LYS A 665 13.73 31.94 -20.65
CA LYS A 665 14.67 31.37 -19.71
C LYS A 665 14.91 32.26 -18.50
N TYR A 666 14.86 33.61 -18.64
CA TYR A 666 15.04 34.53 -17.48
C TYR A 666 14.04 34.29 -16.33
N ASP A 667 12.81 33.89 -16.66
CA ASP A 667 11.76 33.54 -15.64
C ASP A 667 12.21 32.40 -14.73
N ALA A 668 12.96 31.45 -15.28
CA ALA A 668 13.37 30.29 -14.50
C ALA A 668 14.38 30.61 -13.38
N PHE A 669 15.04 31.77 -13.47
CA PHE A 669 15.99 32.21 -12.43
C PHE A 669 15.37 33.13 -11.38
N LEU A 670 14.03 33.29 -11.40
CA LEU A 670 13.38 34.07 -10.33
C LEU A 670 13.59 33.45 -8.95
N VAL A 671 13.74 34.31 -7.95
CA VAL A 671 13.95 33.91 -6.57
C VAL A 671 12.75 33.10 -6.05
N THR A 672 11.60 33.30 -6.70
CA THR A 672 10.39 32.55 -6.37
C THR A 672 10.29 31.10 -6.97
N ASN A 673 11.24 30.71 -7.81
CA ASN A 673 11.36 29.36 -8.39
C ASN A 673 12.52 28.58 -7.71
N MET A 674 13.24 29.21 -6.77
CA MET A 674 14.43 28.62 -6.10
CA MET A 674 14.41 28.56 -6.14
C MET A 674 14.03 27.78 -4.88
N VAL A 675 14.73 26.67 -4.66
CA VAL A 675 14.52 25.84 -3.47
C VAL A 675 15.84 25.34 -2.89
N PRO A 676 15.89 25.07 -1.57
CA PRO A 676 17.20 24.64 -1.01
C PRO A 676 17.54 23.17 -1.34
N MET A 677 18.76 22.96 -1.79
CA MET A 677 19.28 21.65 -2.20
C MET A 677 20.75 21.40 -1.79
N TYR A 678 20.95 20.32 -1.03
CA TYR A 678 22.32 19.78 -0.80
C TYR A 678 23.00 19.49 -2.12
N PRO A 679 24.31 19.80 -2.23
CA PRO A 679 25.02 19.52 -3.47
C PRO A 679 24.90 18.04 -3.91
N ALA A 680 24.89 17.11 -2.98
CA ALA A 680 24.79 15.71 -3.36
C ALA A 680 23.42 15.44 -4.04
N PHE A 681 22.38 16.07 -3.52
CA PHE A 681 21.03 15.93 -4.11
C PHE A 681 20.92 16.64 -5.46
N LYS A 682 21.66 17.73 -5.64
CA LYS A 682 21.66 18.43 -6.93
C LYS A 682 22.11 17.58 -8.08
N ARG A 683 23.03 16.65 -7.82
CA ARG A 683 23.35 15.65 -8.84
C ARG A 683 22.16 14.83 -9.34
N VAL A 684 21.33 14.40 -8.40
CA VAL A 684 20.12 13.62 -8.75
C VAL A 684 19.12 14.51 -9.52
N TRP A 685 18.83 15.69 -8.94
CA TRP A 685 17.83 16.61 -9.48
C TRP A 685 18.15 17.14 -10.88
N ALA A 686 19.41 17.52 -11.09
CA ALA A 686 19.86 17.98 -12.40
C ALA A 686 19.75 16.92 -13.49
N TYR A 687 20.04 15.66 -13.15
CA TYR A 687 19.89 14.58 -14.14
C TYR A 687 18.43 14.32 -14.46
N PHE A 688 17.58 14.27 -13.42
CA PHE A 688 16.10 14.21 -13.63
C PHE A 688 15.67 15.31 -14.59
N GLN A 689 16.05 16.56 -14.29
CA GLN A 689 15.52 17.71 -15.07
C GLN A 689 16.12 17.87 -16.49
N ARG A 690 17.42 17.62 -16.64
CA ARG A 690 18.16 17.78 -17.92
C ARG A 690 17.97 16.59 -18.87
N VAL A 691 17.92 15.36 -18.33
CA VAL A 691 17.83 14.16 -19.15
C VAL A 691 16.49 13.45 -19.09
N LEU A 692 15.99 13.15 -17.89
CA LEU A 692 14.85 12.29 -17.79
C LEU A 692 13.49 12.88 -18.23
N VAL A 693 13.23 14.12 -17.91
CA VAL A 693 11.93 14.73 -18.30
C VAL A 693 11.77 14.65 -19.81
N LYS A 694 12.80 15.05 -20.54
CA LYS A 694 12.72 14.99 -22.01
CA LYS A 694 12.81 14.97 -22.03
C LYS A 694 12.57 13.52 -22.48
N LYS A 695 13.25 12.59 -21.85
CA LYS A 695 13.08 11.19 -22.20
C LYS A 695 11.65 10.72 -22.02
N TYR A 696 11.03 11.11 -20.91
CA TYR A 696 9.62 10.77 -20.67
C TYR A 696 8.68 11.44 -21.69
N ALA A 697 8.93 12.70 -22.06
CA ALA A 697 8.09 13.35 -23.06
C ALA A 697 8.19 12.63 -24.43
N SER A 698 9.39 12.15 -24.77
CA SER A 698 9.57 11.42 -26.04
CA SER A 698 9.55 11.46 -26.06
CA SER A 698 9.58 11.44 -26.05
C SER A 698 8.85 10.08 -26.05
N GLU A 699 8.95 9.36 -24.93
CA GLU A 699 8.34 8.05 -24.77
C GLU A 699 6.81 8.10 -24.62
N ARG A 700 6.29 9.16 -23.96
CA ARG A 700 4.85 9.19 -23.60
C ARG A 700 4.02 10.13 -24.43
N ASN A 701 4.66 10.79 -25.42
CA ASN A 701 4.03 11.80 -26.26
C ASN A 701 3.59 13.06 -25.50
N GLY A 702 4.60 13.64 -24.86
CA GLY A 702 4.40 14.81 -24.00
C GLY A 702 4.17 14.33 -22.57
N VAL A 703 4.55 15.19 -21.61
CA VAL A 703 4.17 15.01 -20.17
C VAL A 703 3.81 16.36 -19.53
N ASN A 704 2.89 16.31 -18.57
CA ASN A 704 2.67 17.40 -17.63
C ASN A 704 3.40 17.03 -16.33
N VAL A 705 4.21 17.96 -15.81
CA VAL A 705 4.96 17.74 -14.56
C VAL A 705 4.47 18.70 -13.47
N ILE A 706 4.18 18.18 -12.27
CA ILE A 706 3.99 19.01 -11.07
C ILE A 706 5.05 18.61 -10.05
N SER A 707 5.90 19.56 -9.64
CA SER A 707 6.97 19.31 -8.69
C SER A 707 6.83 20.17 -7.47
N GLY A 708 7.45 19.76 -6.34
CA GLY A 708 7.43 20.61 -5.16
C GLY A 708 8.21 20.02 -3.97
N PRO A 709 8.26 20.76 -2.87
CA PRO A 709 8.91 20.30 -1.63
C PRO A 709 7.92 19.49 -0.76
N ILE A 710 8.46 18.63 0.10
CA ILE A 710 7.72 17.99 1.20
C ILE A 710 8.49 18.16 2.50
N PHE A 711 7.73 18.39 3.58
CA PHE A 711 8.32 18.51 4.94
C PHE A 711 7.64 17.47 5.84
N ASP A 712 8.38 16.42 6.23
CA ASP A 712 7.90 15.40 7.13
C ASP A 712 8.98 15.01 8.15
N TYR A 713 9.28 15.96 9.02
CA TYR A 713 10.33 15.77 10.03
C TYR A 713 9.96 14.76 11.13
N ASN A 714 8.67 14.49 11.36
CA ASN A 714 8.24 13.48 12.38
C ASN A 714 7.78 12.15 11.74
N TYR A 715 8.09 11.97 10.46
CA TYR A 715 7.92 10.74 9.67
C TYR A 715 6.54 10.08 9.89
N ASP A 716 5.52 10.92 9.93
CA ASP A 716 4.12 10.40 10.11
C ASP A 716 3.33 10.28 8.78
N GLY A 717 3.98 10.60 7.67
CA GLY A 717 3.32 10.54 6.35
C GLY A 717 2.41 11.72 6.05
N LEU A 718 2.39 12.72 6.93
CA LEU A 718 1.48 13.87 6.88
C LEU A 718 2.21 15.22 6.88
N ARG A 719 1.72 16.18 6.09
CA ARG A 719 2.25 17.55 6.01
C ARG A 719 2.65 18.12 7.39
N ASP A 720 3.89 18.58 7.55
CA ASP A 720 4.32 19.28 8.77
C ASP A 720 3.72 20.72 8.83
N THR A 721 3.38 21.15 10.03
CA THR A 721 3.16 22.57 10.31
C THR A 721 4.54 23.27 10.51
N GLU A 722 4.54 24.59 10.46
CA GLU A 722 5.80 25.40 10.59
C GLU A 722 6.58 25.09 11.81
N ASP A 723 5.85 24.82 12.90
CA ASP A 723 6.54 24.52 14.19
C ASP A 723 7.12 23.13 14.36
N GLU A 724 7.02 22.29 13.33
CA GLU A 724 7.63 20.95 13.29
C GLU A 724 8.92 20.85 12.55
N ILE A 725 9.34 21.96 11.90
CA ILE A 725 10.51 21.97 11.04
C ILE A 725 11.82 21.96 11.83
N LYS A 726 12.72 21.00 11.57
CA LYS A 726 13.92 20.84 12.40
C LYS A 726 15.16 21.47 11.80
N GLN A 727 15.11 21.91 10.52
CA GLN A 727 16.28 22.49 9.88
CA GLN A 727 16.29 22.48 9.86
C GLN A 727 15.94 23.63 8.89
N TYR A 728 16.79 24.67 8.96
CA TYR A 728 16.66 25.90 8.17
C TYR A 728 17.97 26.17 7.49
N VAL A 729 17.92 26.91 6.40
CA VAL A 729 19.12 27.38 5.73
C VAL A 729 19.78 28.35 6.77
N GLU A 730 21.06 28.16 7.01
CA GLU A 730 21.79 28.83 8.11
C GLU A 730 21.54 30.35 8.15
N GLY A 731 21.06 30.81 9.29
CA GLY A 731 20.84 32.21 9.55
C GLY A 731 19.59 32.78 8.92
N SER A 732 18.64 31.93 8.49
CA SER A 732 17.44 32.41 7.84
C SER A 732 16.22 31.69 8.33
N SER A 733 15.08 32.12 7.82
CA SER A 733 13.79 31.44 8.01
C SER A 733 13.38 30.54 6.80
N ILE A 734 14.33 30.14 5.96
CA ILE A 734 14.04 29.28 4.79
C ILE A 734 14.07 27.80 5.30
N PRO A 735 12.91 27.12 5.34
CA PRO A 735 12.87 25.74 5.83
C PRO A 735 13.50 24.73 4.84
N VAL A 736 14.14 23.66 5.34
CA VAL A 736 14.73 22.69 4.43
C VAL A 736 13.77 21.52 4.23
N PRO A 737 13.41 21.20 2.96
CA PRO A 737 12.51 20.05 2.72
C PRO A 737 13.19 18.71 3.10
N THR A 738 12.41 17.76 3.59
CA THR A 738 12.88 16.36 3.78
C THR A 738 12.86 15.57 2.48
N HIS A 739 12.04 15.98 1.52
CA HIS A 739 11.84 15.27 0.28
C HIS A 739 11.43 16.25 -0.82
N TYR A 740 11.65 15.82 -2.08
CA TYR A 740 11.11 16.50 -3.28
C TYR A 740 10.26 15.54 -4.12
N TYR A 741 9.07 15.96 -4.54
CA TYR A 741 8.15 15.13 -5.33
C TYR A 741 8.06 15.60 -6.75
N SER A 742 7.66 14.68 -7.64
CA SER A 742 7.12 15.02 -8.97
C SER A 742 5.99 14.07 -9.33
N ILE A 743 4.96 14.63 -9.99
CA ILE A 743 3.83 13.91 -10.53
C ILE A 743 3.85 14.11 -12.04
N ILE A 744 3.98 13.02 -12.78
CA ILE A 744 4.19 13.08 -14.23
C ILE A 744 3.01 12.41 -14.97
N THR A 745 2.20 13.22 -15.64
CA THR A 745 0.91 12.78 -16.22
C THR A 745 0.91 12.89 -17.78
N SER A 746 0.27 11.94 -18.42
CA SER A 746 0.12 11.97 -19.89
C SER A 746 -1.17 11.21 -20.28
N CYS A 747 -1.41 11.07 -21.58
CA CYS A 747 -2.61 10.38 -22.08
C CYS A 747 -2.39 8.88 -22.09
N LEU A 748 -3.34 8.08 -21.57
CA LEU A 748 -3.16 6.62 -21.57
C LEU A 748 -3.04 6.13 -23.03
N ASP A 749 -3.82 6.74 -23.92
CA ASP A 749 -3.69 6.52 -25.37
C ASP A 749 -2.59 7.45 -25.83
N PHE A 750 -1.40 6.90 -25.89
CA PHE A 750 -0.20 7.65 -26.27
C PHE A 750 -0.15 8.12 -27.73
N THR A 751 -1.15 7.74 -28.55
CA THR A 751 -1.32 8.37 -29.87
C THR A 751 -1.85 9.78 -29.77
N GLN A 752 -2.38 10.21 -28.61
CA GLN A 752 -2.74 11.63 -28.40
C GLN A 752 -1.69 12.33 -27.49
N PRO A 753 -1.35 13.60 -27.80
CA PRO A 753 -0.39 14.30 -26.96
C PRO A 753 -0.96 14.63 -25.59
N ALA A 754 -0.09 14.77 -24.60
CA ALA A 754 -0.54 15.04 -23.22
C ALA A 754 -1.51 16.22 -23.13
N ASP A 755 -1.20 17.29 -23.87
CA ASP A 755 -2.05 18.51 -23.82
C ASP A 755 -3.32 18.49 -24.69
N LYS A 756 -3.64 17.39 -25.35
CA LYS A 756 -4.91 17.24 -26.12
C LYS A 756 -5.45 15.83 -26.00
N CYS A 757 -5.71 15.44 -24.76
CA CYS A 757 -6.10 14.07 -24.42
C CYS A 757 -7.62 14.01 -24.13
N ASP A 758 -8.33 13.14 -24.84
CA ASP A 758 -9.79 13.02 -24.71
C ASP A 758 -10.27 11.99 -23.70
N GLY A 759 -9.41 11.08 -23.26
CA GLY A 759 -9.83 9.92 -22.47
C GLY A 759 -9.04 9.77 -21.17
N PRO A 760 -8.90 8.53 -20.67
CA PRO A 760 -8.15 8.29 -19.43
C PRO A 760 -6.69 8.73 -19.44
N LEU A 761 -6.17 9.01 -18.23
CA LEU A 761 -4.82 9.49 -18.03
C LEU A 761 -3.90 8.36 -17.63
N SER A 762 -2.60 8.60 -17.69
CA SER A 762 -1.58 7.66 -17.19
C SER A 762 -0.61 8.51 -16.31
N VAL A 763 -0.19 7.99 -15.18
CA VAL A 763 0.66 8.75 -14.24
C VAL A 763 1.79 7.88 -13.70
N SER A 764 2.92 8.51 -13.45
CA SER A 764 3.94 7.96 -12.55
C SER A 764 4.41 9.11 -11.65
N SER A 765 4.83 8.78 -10.43
CA SER A 765 5.23 9.80 -9.45
C SER A 765 6.38 9.27 -8.59
N PHE A 766 7.07 10.19 -7.97
CA PHE A 766 8.12 9.87 -6.99
C PHE A 766 8.20 10.86 -5.84
N ILE A 767 8.75 10.40 -4.72
CA ILE A 767 9.04 11.22 -3.54
C ILE A 767 10.53 10.92 -3.17
N LEU A 768 11.45 11.77 -3.62
CA LEU A 768 12.87 11.52 -3.45
C LEU A 768 13.32 12.07 -2.12
N PRO A 769 14.08 11.27 -1.34
CA PRO A 769 14.63 11.85 -0.11
C PRO A 769 15.73 12.88 -0.36
N HIS A 770 15.65 13.98 0.37
CA HIS A 770 16.55 15.12 0.23
C HIS A 770 17.73 14.90 1.18
N ARG A 771 18.74 14.15 0.75
CA ARG A 771 19.84 13.73 1.64
C ARG A 771 21.14 14.44 1.29
N PRO A 772 21.98 14.74 2.32
CA PRO A 772 23.24 15.40 2.06
C PRO A 772 24.36 14.51 1.53
N ASP A 773 24.10 13.23 1.35
CA ASP A 773 25.03 12.30 0.74
C ASP A 773 24.21 11.37 -0.16
N ASN A 774 24.92 10.62 -0.99
CA ASN A 774 24.36 9.59 -1.81
C ASN A 774 24.80 8.20 -1.34
N ASP A 775 24.95 8.01 -0.03
CA ASP A 775 25.32 6.71 0.56
C ASP A 775 24.34 5.55 0.25
N GLU A 776 23.08 5.90 0.06
CA GLU A 776 22.05 4.93 -0.37
C GLU A 776 22.40 4.26 -1.70
N SER A 777 23.05 5.02 -2.59
CA SER A 777 23.41 4.53 -3.92
C SER A 777 24.91 4.08 -3.98
N CYS A 778 25.14 2.78 -3.93
CA CYS A 778 26.51 2.24 -3.84
C CYS A 778 27.38 2.57 -5.06
N ASN A 779 26.75 2.85 -6.20
CA ASN A 779 27.43 3.16 -7.46
CA ASN A 779 27.42 3.16 -7.46
C ASN A 779 27.45 4.65 -7.80
N SER A 780 27.25 5.53 -6.81
CA SER A 780 27.18 6.99 -7.04
C SER A 780 28.47 7.72 -7.47
N SER A 781 29.63 7.11 -7.35
CA SER A 781 30.85 7.73 -7.88
CA SER A 781 30.87 7.68 -7.91
C SER A 781 30.87 7.65 -9.42
N GLU A 782 30.01 6.82 -10.00
CA GLU A 782 29.88 6.71 -11.44
C GLU A 782 28.95 7.82 -12.01
N ASP A 783 28.84 7.84 -13.33
CA ASP A 783 28.02 8.81 -14.02
C ASP A 783 26.55 8.57 -13.64
N GLU A 784 25.81 9.66 -13.51
CA GLU A 784 24.37 9.64 -13.14
C GLU A 784 23.53 8.65 -13.98
N SER A 785 23.93 8.39 -15.23
CA SER A 785 23.27 7.41 -16.09
C SER A 785 23.32 5.94 -15.60
N LYS A 786 24.14 5.66 -14.59
CA LYS A 786 24.27 4.31 -14.04
C LYS A 786 23.61 4.12 -12.67
N TRP A 787 23.06 5.18 -12.06
CA TRP A 787 22.47 5.04 -10.72
C TRP A 787 21.23 5.93 -10.39
N VAL A 788 21.03 7.04 -11.07
CA VAL A 788 19.99 7.98 -10.65
C VAL A 788 18.59 7.38 -10.91
N GLU A 789 18.39 6.84 -12.10
CA GLU A 789 17.06 6.30 -12.41
C GLU A 789 16.69 5.11 -11.48
N GLU A 790 17.68 4.28 -11.12
CA GLU A 790 17.52 3.20 -10.15
C GLU A 790 17.06 3.73 -8.74
N LEU A 791 17.66 4.83 -8.28
CA LEU A 791 17.20 5.52 -7.06
C LEU A 791 15.73 5.97 -7.17
N MET A 792 15.41 6.59 -8.28
CA MET A 792 14.06 7.10 -8.47
C MET A 792 13.01 6.01 -8.49
N LYS A 793 13.33 4.87 -9.12
CA LYS A 793 12.44 3.69 -9.13
C LYS A 793 12.18 3.15 -7.71
N MET A 794 13.21 3.12 -6.85
CA MET A 794 13.03 2.69 -5.47
CA MET A 794 13.03 2.68 -5.45
C MET A 794 12.04 3.60 -4.70
N HIS A 795 12.03 4.88 -5.07
CA HIS A 795 11.21 5.92 -4.40
C HIS A 795 9.94 6.37 -5.19
N THR A 796 9.48 5.47 -6.05
CA THR A 796 8.19 5.56 -6.72
C THR A 796 7.05 5.77 -5.67
N ALA A 797 6.00 6.49 -6.05
CA ALA A 797 4.93 6.84 -5.10
C ALA A 797 3.58 6.95 -5.79
N ARG A 798 2.52 6.90 -4.99
CA ARG A 798 1.15 7.20 -5.45
C ARG A 798 0.93 8.70 -5.33
N VAL A 799 0.10 9.27 -6.20
CA VAL A 799 -0.39 10.64 -6.01
C VAL A 799 -0.98 10.82 -4.62
N ARG A 800 -1.73 9.81 -4.13
CA ARG A 800 -2.34 9.96 -2.84
C ARG A 800 -1.30 10.14 -1.66
N ASP A 801 -0.13 9.51 -1.82
CA ASP A 801 0.97 9.64 -0.85
C ASP A 801 1.45 11.12 -0.77
N ILE A 802 1.58 11.74 -1.93
CA ILE A 802 1.94 13.14 -2.03
C ILE A 802 0.83 14.01 -1.47
N GLU A 803 -0.44 13.68 -1.70
CA GLU A 803 -1.54 14.44 -1.11
C GLU A 803 -1.46 14.48 0.45
N HIS A 804 -1.24 13.33 1.06
CA HIS A 804 -1.12 13.24 2.53
C HIS A 804 0.04 14.14 3.00
N LEU A 805 1.16 14.07 2.27
CA LEU A 805 2.40 14.78 2.67
C LEU A 805 2.39 16.31 2.46
N THR A 806 1.48 16.81 1.63
CA THR A 806 1.41 18.23 1.24
C THR A 806 0.13 18.98 1.59
N GLY A 807 -0.98 18.27 1.88
CA GLY A 807 -2.28 18.92 2.09
C GLY A 807 -2.86 19.52 0.83
N LEU A 808 -2.41 19.03 -0.33
CA LEU A 808 -2.92 19.44 -1.66
C LEU A 808 -3.86 18.36 -2.24
N ASP A 809 -4.78 18.77 -3.09
CA ASP A 809 -5.71 17.87 -3.78
C ASP A 809 -5.59 18.16 -5.29
N PHE A 810 -5.16 17.15 -6.07
CA PHE A 810 -4.81 17.26 -7.47
C PHE A 810 -5.97 16.75 -8.34
N TYR A 811 -5.82 16.93 -9.65
CA TYR A 811 -6.82 16.54 -10.67
C TYR A 811 -8.27 17.03 -10.44
N ARG A 812 -8.39 18.30 -10.06
CA ARG A 812 -9.68 18.91 -9.71
C ARG A 812 -10.60 19.20 -10.94
N LYS A 813 -10.01 19.37 -12.10
CA LYS A 813 -10.75 19.78 -13.34
C LYS A 813 -10.30 18.94 -14.52
N THR A 814 -10.90 17.77 -14.65
CA THR A 814 -10.66 16.88 -15.80
C THR A 814 -12.02 16.57 -16.41
N SER A 815 -11.99 15.88 -17.54
CA SER A 815 -13.25 15.36 -18.12
C SER A 815 -13.67 14.00 -17.52
N ARG A 816 -12.95 13.49 -16.52
CA ARG A 816 -13.16 12.13 -16.04
C ARG A 816 -14.09 12.06 -14.81
N SER A 817 -14.74 10.91 -14.63
CA SER A 817 -15.53 10.69 -13.40
C SER A 817 -14.62 10.69 -12.12
N TYR A 818 -15.16 11.13 -11.00
CA TYR A 818 -14.38 11.26 -9.75
C TYR A 818 -13.82 9.91 -9.26
N SER A 819 -14.63 8.84 -9.32
CA SER A 819 -14.14 7.50 -8.99
CA SER A 819 -14.12 7.51 -8.95
C SER A 819 -12.93 7.05 -9.81
N GLU A 820 -12.92 7.41 -11.09
CA GLU A 820 -11.84 7.03 -11.99
C GLU A 820 -10.56 7.77 -11.57
N ILE A 821 -10.75 9.02 -11.15
CA ILE A 821 -9.64 9.89 -10.70
C ILE A 821 -9.12 9.35 -9.36
N LEU A 822 -9.99 8.88 -8.49
CA LEU A 822 -9.55 8.25 -7.24
C LEU A 822 -8.67 7.02 -7.51
N THR A 823 -9.07 6.20 -8.48
CA THR A 823 -8.29 5.04 -8.90
C THR A 823 -6.91 5.48 -9.44
N LEU A 824 -6.87 6.50 -10.28
CA LEU A 824 -5.62 7.10 -10.75
C LEU A 824 -4.71 7.57 -9.61
N LYS A 825 -5.31 8.24 -8.60
CA LYS A 825 -4.52 8.74 -7.45
C LYS A 825 -3.89 7.63 -6.58
N THR A 826 -4.49 6.44 -6.54
CA THR A 826 -3.90 5.26 -5.87
C THR A 826 -2.94 4.40 -6.70
N TYR A 827 -2.79 4.67 -8.00
CA TYR A 827 -1.88 3.89 -8.87
C TYR A 827 -0.45 4.02 -8.39
N LEU A 828 0.29 2.92 -8.44
CA LEU A 828 1.72 2.91 -8.16
C LEU A 828 2.46 2.33 -9.37
N HIS A 829 3.40 3.05 -9.93
CA HIS A 829 4.22 2.51 -11.03
C HIS A 829 5.36 1.72 -10.39
N THR A 830 5.38 0.39 -10.56
N THR A 830 5.30 0.41 -10.58
CA THR A 830 6.25 -0.49 -9.72
CA THR A 830 6.41 -0.44 -10.25
C THR A 830 7.61 -0.89 -10.38
C THR A 830 7.08 -0.75 -11.58
N TYR A 831 7.68 -0.83 -11.71
N TYR A 831 8.37 -0.89 -11.49
CA TYR A 831 8.91 -1.10 -12.49
CA TYR A 831 9.14 -1.18 -12.65
C TYR A 831 9.46 -2.55 -12.39
C TYR A 831 9.43 -2.67 -12.70
N GLU A 832 8.58 -3.50 -12.07
CA GLU A 832 8.83 -4.93 -12.11
C GLU A 832 8.41 -5.33 -13.53
N SER A 833 9.00 -6.40 -14.06
CA SER A 833 8.56 -6.95 -15.34
C SER A 833 7.19 -7.67 -15.12
N GLU A 834 6.68 -8.35 -16.16
CA GLU A 834 5.32 -8.96 -16.13
C GLU A 834 5.10 -9.93 -14.95
C1 NAG B . -3.90 6.15 8.17
C2 NAG B . -3.28 7.52 8.22
C3 NAG B . -3.15 7.94 9.72
C4 NAG B . -4.47 7.84 10.46
C5 NAG B . -5.22 6.52 10.18
C6 NAG B . -6.64 6.55 10.77
C7 NAG B . -1.65 8.27 6.52
C8 NAG B . -0.24 8.19 6.06
N2 NAG B . -1.95 7.53 7.60
O3 NAG B . -2.70 9.30 9.81
O4 NAG B . -4.18 7.76 11.86
O5 NAG B . -5.25 6.26 8.77
O6 NAG B . -7.40 7.63 10.17
O7 NAG B . -2.51 8.99 5.95
C1 NAG B . -4.83 8.74 12.65
C2 NAG B . -4.82 8.22 14.09
C3 NAG B . -5.44 9.28 15.00
C4 NAG B . -4.72 10.64 14.87
C5 NAG B . -4.38 11.12 13.44
C6 NAG B . -3.12 12.07 13.53
C7 NAG B . -5.00 5.71 14.14
C8 NAG B . -5.96 4.55 14.29
N2 NAG B . -5.52 6.94 14.22
O3 NAG B . -5.34 8.77 16.35
O4 NAG B . -5.47 11.71 15.52
O5 NAG B . -4.14 10.01 12.53
O6 NAG B . -1.81 11.37 13.62
O7 NAG B . -3.81 5.47 13.93
C1 BMA B . -5.02 11.90 16.90
C2 BMA B . -5.00 13.38 17.27
C3 BMA B . -4.68 13.60 18.79
C4 BMA B . -5.59 12.68 19.64
C5 BMA B . -5.48 11.22 19.18
C6 BMA B . -6.34 10.21 19.97
O2 BMA B . -6.27 13.88 16.85
O3 BMA B . -4.76 15.01 19.23
O4 BMA B . -5.21 12.74 21.01
O5 BMA B . -5.85 11.13 17.80
O6 BMA B . -5.83 8.89 19.66
C1 MAN B . -6.53 7.80 20.33
C2 MAN B . -5.70 6.49 20.20
C3 MAN B . -5.81 5.91 18.76
C4 MAN B . -7.30 5.73 18.43
C5 MAN B . -8.10 7.05 18.58
C6 MAN B . -9.62 6.90 18.32
O2 MAN B . -6.13 5.52 21.17
O3 MAN B . -5.07 4.67 18.53
O4 MAN B . -7.46 5.16 17.12
O5 MAN B . -7.89 7.63 19.88
O6 MAN B . -10.20 5.75 18.98
C1 MAN B . -3.61 4.80 18.38
C2 MAN B . -3.03 3.78 17.38
C3 MAN B . -3.28 2.32 17.84
C4 MAN B . -2.82 2.11 19.30
C5 MAN B . -3.05 3.32 20.23
C6 MAN B . -2.10 3.19 21.41
O2 MAN B . -1.59 3.95 17.28
O3 MAN B . -2.58 1.36 17.02
O4 MAN B . -3.44 0.91 19.83
O5 MAN B . -2.87 4.61 19.61
O6 MAN B . -2.28 4.31 22.28
C1 MAN B . -1.17 4.71 16.11
C2 MAN B . 0.34 4.54 15.94
C3 MAN B . 1.09 5.36 17.00
C4 MAN B . 0.57 6.81 17.09
C5 MAN B . -0.96 6.87 17.26
C6 MAN B . -1.53 8.32 17.32
O2 MAN B . 0.82 4.96 14.64
O3 MAN B . 2.47 5.34 16.65
O4 MAN B . 1.21 7.51 18.17
O5 MAN B . -1.58 6.11 16.18
O6 MAN B . -2.89 8.35 17.81
C1 MAN B . -3.48 15.71 19.51
C2 MAN B . -3.49 16.66 20.77
C3 MAN B . -4.14 18.04 20.54
C4 MAN B . -3.81 18.65 19.17
C5 MAN B . -3.88 17.60 18.06
C6 MAN B . -3.50 18.19 16.70
O2 MAN B . -2.14 16.93 21.28
O3 MAN B . -3.68 19.00 21.51
O4 MAN B . -4.73 19.73 18.94
O5 MAN B . -3.02 16.48 18.37
O6 MAN B . -4.71 18.56 16.02
C1 MAN B . -1.85 16.56 22.66
C2 MAN B . -1.12 17.69 23.44
C3 MAN B . 0.34 17.87 22.91
C4 MAN B . 1.08 16.51 22.96
C5 MAN B . 0.26 15.43 22.20
C6 MAN B . 0.92 14.04 22.17
O2 MAN B . -1.22 17.36 24.85
O3 MAN B . 1.14 18.93 23.51
O4 MAN B . 2.40 16.66 22.41
O5 MAN B . -1.07 15.35 22.76
O6 MAN B . 0.82 13.39 23.45
CA CA C . 0.80 -15.60 5.84
CL CL D . 8.76 -9.62 11.84
C ACT E . 14.29 -6.47 -3.87
O ACT E . 13.88 -5.70 -4.78
OXT ACT E . 14.84 -7.57 -4.15
CH3 ACT E . 14.15 -6.08 -2.43
C10 XLE F . -9.27 -12.07 7.94
C11 XLE F . -9.55 -10.98 6.95
C15 XLE F . -9.43 -13.40 7.52
C16 XLE F . -9.17 -14.41 8.43
C17 XLE F . -8.74 -14.13 9.73
C18 XLE F . -8.54 -15.36 10.62
C19 XLE F . -7.09 -15.76 10.76
C20 XLE F . -6.93 -17.01 11.64
C22 XLE F . -5.49 -18.42 13.18
C23 XLE F . -5.18 -17.83 14.51
C24 XLE F . -3.84 -17.10 14.34
C25 XLE F . -4.05 -15.90 13.39
C26 XLE F . -4.43 -16.46 12.03
C27 XLE F . -3.24 -16.75 15.75
C28 XLE F . -4.03 -15.82 16.54
C1 XLE F . -3.60 -11.89 12.53
C2 XLE F . -5.02 -11.64 12.16
N3 XLE F . -5.97 -12.60 11.94
N4 XLE F . -7.12 -11.84 11.71
N5 XLE F . -6.89 -10.47 11.76
N6 XLE F . -5.61 -10.38 12.03
C7 XLE F . -8.41 -12.44 11.54
C8 XLE F . -8.60 -12.84 10.11
C9 XLE F . -8.83 -11.78 9.22
F12 XLE F . -10.85 -10.89 6.62
F13 XLE F . -9.26 -9.76 7.33
F14 XLE F . -9.00 -11.18 5.75
N21 XLE F . -5.68 -17.30 12.20
C29 XLE F . -3.84 -14.42 16.44
C30 XLE F . -4.63 -13.57 17.23
C31 XLE F . -5.62 -14.05 18.13
C32 XLE F . -5.78 -15.45 18.18
C33 XLE F . -5.00 -16.33 17.42
S34 XLE F . -6.60 -13.01 19.10
N35 XLE F . -5.50 -12.04 19.75
O36 XLE F . -7.58 -12.21 18.42
O37 XLE F . -7.17 -13.86 20.21
O38 XLE F . -7.84 -17.77 11.86
K K G . 26.09 27.24 0.26
ZN ZN H . 4.77 -18.04 5.98
NA NA I . 27.27 6.27 -2.73
CA CA J . 4.63 15.15 9.43
#